data_1CPC
#
_entry.id   1CPC
#
_cell.length_a   180.260
_cell.length_b   180.260
_cell.length_c   61.240
_cell.angle_alpha   90.00
_cell.angle_beta   90.00
_cell.angle_gamma   120.00
#
_symmetry.space_group_name_H-M   'H 3'
#
loop_
_entity.id
_entity.type
_entity.pdbx_description
1 polymer 'C-PHYCOCYANIN (ALPHA SUBUNIT)'
2 polymer 'C-PHYCOCYANIN (BETA  SUBUNIT)'
3 non-polymer PHYCOCYANOBILIN
4 water water
#
loop_
_entity_poly.entity_id
_entity_poly.type
_entity_poly.pdbx_seq_one_letter_code
_entity_poly.pdbx_strand_id
1 'polypeptide(L)'
;MKTPLTEAVAAADSQGRFLSSTEIQTAFGRFRQASASLAAAKALTEKASSLASGAANAVYSKFPYTTSQNGPNFASTQTG
KDKCVRDIGYYLRMVTYCLVVGGTGPLDDYLIGGIAEINRTFDLSPSWYVEALKYIKANHGLSGDPAVEANSYIDYAINA
LS
;
A,K
2 'polypeptide(L)'
;MLDAFAKVVSQADARGEYLSGSQIDALSALVADGNKRMDVVNRITGNSSTIVANAARSLFAEQPQLIAPGG(MEN)AYTS
RRMAACLRDMEIILRYVTYAIFAGDASVLDDRCLNGLKETYLALGTPGSSVAVGVQKMKDAALAIAGDTNGITRGDCASL
MAEVASYFDKAASAVA
;
B,L
#
loop_
_chem_comp.id
_chem_comp.type
_chem_comp.name
_chem_comp.formula
CYC non-polymer PHYCOCYANOBILIN 'C33 H40 N4 O6'
#
# COMPACT_ATOMS: atom_id res chain seq x y z
N MET A 1 2.79 13.28 3.74
CA MET A 1 2.16 12.72 4.95
C MET A 1 1.70 11.27 4.70
N LYS A 2 1.93 10.38 5.63
CA LYS A 2 1.58 8.97 5.41
C LYS A 2 0.07 8.74 5.58
N THR A 3 -0.56 8.37 4.45
CA THR A 3 -2.02 7.98 4.39
C THR A 3 -2.07 6.80 3.42
N PRO A 4 -3.13 5.99 3.42
CA PRO A 4 -3.15 4.89 2.46
C PRO A 4 -2.93 5.38 1.02
N LEU A 5 -3.47 6.54 0.67
CA LEU A 5 -3.35 6.94 -0.71
C LEU A 5 -1.93 7.44 -1.08
N THR A 6 -1.31 8.18 -0.18
CA THR A 6 0.07 8.65 -0.48
C THR A 6 1.07 7.50 -0.38
N GLU A 7 0.83 6.55 0.48
CA GLU A 7 1.62 5.29 0.45
C GLU A 7 1.55 4.55 -0.90
N ALA A 8 0.31 4.37 -1.44
CA ALA A 8 0.10 3.60 -2.68
C ALA A 8 0.82 4.34 -3.83
N VAL A 9 0.65 5.68 -3.87
CA VAL A 9 1.26 6.52 -4.91
C VAL A 9 2.80 6.49 -4.84
N ALA A 10 3.31 6.57 -3.66
CA ALA A 10 4.76 6.46 -3.44
C ALA A 10 5.36 5.12 -3.91
N ALA A 11 4.67 4.01 -3.62
CA ALA A 11 5.16 2.70 -4.08
C ALA A 11 5.24 2.64 -5.61
N ALA A 12 4.21 3.13 -6.31
CA ALA A 12 4.17 3.12 -7.80
C ALA A 12 5.24 4.05 -8.34
N ASP A 13 5.42 5.18 -7.71
CA ASP A 13 6.38 6.16 -8.18
C ASP A 13 7.83 5.68 -7.97
N SER A 14 8.00 4.98 -6.91
CA SER A 14 9.31 4.42 -6.59
C SER A 14 9.76 3.42 -7.65
N GLN A 15 8.79 2.91 -8.38
CA GLN A 15 9.10 1.88 -9.37
C GLN A 15 8.78 2.38 -10.76
N GLY A 16 8.58 3.69 -10.77
CA GLY A 16 8.43 4.38 -12.06
C GLY A 16 7.15 3.90 -12.80
N ARG A 17 6.16 3.41 -12.06
CA ARG A 17 4.99 2.69 -12.67
C ARG A 17 3.69 3.52 -12.68
N PHE A 18 2.79 3.18 -13.60
CA PHE A 18 1.38 3.69 -13.46
C PHE A 18 0.73 2.91 -12.28
N LEU A 19 -0.40 3.34 -11.78
CA LEU A 19 -1.10 2.58 -10.74
C LEU A 19 -1.78 1.33 -11.34
N SER A 20 -1.88 0.30 -10.53
CA SER A 20 -2.50 -0.98 -10.92
C SER A 20 -3.60 -1.31 -9.91
N SER A 21 -4.16 -2.50 -10.12
CA SER A 21 -5.34 -2.83 -9.33
C SER A 21 -4.92 -2.97 -7.87
N THR A 22 -3.61 -3.15 -7.70
CA THR A 22 -3.05 -3.25 -6.32
C THR A 22 -3.33 -1.99 -5.49
N GLU A 23 -3.00 -0.89 -6.09
CA GLU A 23 -3.13 0.40 -5.45
C GLU A 23 -4.60 0.81 -5.39
N ILE A 24 -5.38 0.36 -6.36
CA ILE A 24 -6.83 0.61 -6.33
C ILE A 24 -7.51 -0.15 -5.19
N GLN A 25 -7.13 -1.43 -4.98
CA GLN A 25 -7.65 -2.15 -3.82
C GLN A 25 -7.30 -1.53 -2.44
N THR A 26 -6.19 -0.79 -2.34
CA THR A 26 -5.85 0.08 -1.15
C THR A 26 -6.83 1.26 -1.01
N ALA A 27 -7.13 1.92 -2.13
CA ALA A 27 -8.09 3.03 -2.10
C ALA A 27 -9.44 2.44 -1.68
N PHE A 28 -9.78 1.25 -2.20
CA PHE A 28 -11.08 0.65 -1.89
C PHE A 28 -11.25 0.32 -0.40
N GLY A 29 -10.16 -0.16 0.18
CA GLY A 29 -10.07 -0.48 1.64
C GLY A 29 -10.21 0.79 2.48
N ARG A 30 -9.52 1.88 2.12
CA ARG A 30 -9.62 3.21 2.78
C ARG A 30 -11.02 3.82 2.64
N PHE A 31 -11.63 3.67 1.48
CA PHE A 31 -12.92 4.38 1.28
C PHE A 31 -14.03 3.64 2.01
N ARG A 32 -13.85 2.37 2.16
CA ARG A 32 -14.86 1.66 2.90
C ARG A 32 -14.74 1.79 4.41
N GLN A 33 -13.52 1.94 4.83
CA GLN A 33 -13.26 2.23 6.26
C GLN A 33 -13.63 3.68 6.69
N ALA A 34 -13.68 4.59 5.74
CA ALA A 34 -13.78 6.03 6.03
C ALA A 34 -15.08 6.37 6.76
N SER A 35 -16.15 5.64 6.58
CA SER A 35 -17.33 5.99 7.45
C SER A 35 -17.13 5.91 8.97
N ALA A 36 -16.58 4.81 9.43
CA ALA A 36 -16.24 4.60 10.86
C ALA A 36 -15.16 5.61 11.30
N SER A 37 -14.16 5.84 10.42
CA SER A 37 -13.06 6.80 10.72
C SER A 37 -13.69 8.19 10.95
N LEU A 38 -14.47 8.61 10.00
CA LEU A 38 -14.97 10.00 10.05
C LEU A 38 -16.03 10.17 11.15
N ALA A 39 -16.80 9.07 11.39
CA ALA A 39 -17.83 9.11 12.45
C ALA A 39 -17.15 9.20 13.84
N ALA A 40 -16.01 8.53 13.94
CA ALA A 40 -15.10 8.63 15.11
C ALA A 40 -14.41 9.98 15.25
N ALA A 41 -14.01 10.56 14.14
CA ALA A 41 -13.42 11.90 14.18
C ALA A 41 -14.41 12.94 14.72
N LYS A 42 -15.66 12.82 14.26
CA LYS A 42 -16.74 13.76 14.71
C LYS A 42 -17.06 13.62 16.20
N ALA A 43 -17.14 12.39 16.63
CA ALA A 43 -17.39 12.08 18.06
C ALA A 43 -16.33 12.63 18.99
N LEU A 44 -15.01 12.29 18.75
CA LEU A 44 -13.91 12.81 19.61
C LEU A 44 -13.94 14.31 19.67
N THR A 45 -14.30 14.91 18.54
CA THR A 45 -14.16 16.35 18.44
C THR A 45 -15.24 17.03 19.31
N GLU A 46 -16.38 16.38 19.35
CA GLU A 46 -17.49 16.87 20.14
C GLU A 46 -17.16 16.83 21.62
N LYS A 47 -16.48 15.79 22.01
CA LYS A 47 -16.00 15.62 23.41
C LYS A 47 -14.65 16.26 23.75
N ALA A 48 -13.99 16.96 22.84
CA ALA A 48 -12.55 17.09 22.99
C ALA A 48 -12.21 17.88 24.24
N SER A 49 -13.06 18.85 24.55
CA SER A 49 -12.69 19.69 25.68
C SER A 49 -12.78 18.92 27.00
N SER A 50 -13.84 18.19 27.10
CA SER A 50 -14.01 17.44 28.27
C SER A 50 -13.07 16.23 28.42
N LEU A 51 -12.68 15.56 27.34
CA LEU A 51 -11.67 14.43 27.50
C LEU A 51 -10.30 14.99 27.96
N ALA A 52 -9.95 16.13 27.40
CA ALA A 52 -8.60 16.68 27.68
C ALA A 52 -8.49 17.08 29.15
N SER A 53 -9.56 17.68 29.64
CA SER A 53 -9.58 18.11 31.03
C SER A 53 -9.73 16.93 32.02
N GLY A 54 -10.52 15.96 31.66
CA GLY A 54 -10.58 14.77 32.40
C GLY A 54 -9.26 14.00 32.36
N ALA A 55 -8.58 14.01 31.20
CA ALA A 55 -7.29 13.24 31.13
C ALA A 55 -6.20 13.91 31.98
N ALA A 56 -6.25 15.22 32.09
CA ALA A 56 -5.26 15.97 32.93
C ALA A 56 -5.45 15.71 34.40
N ASN A 57 -6.70 15.63 34.74
CA ASN A 57 -7.06 15.28 36.11
C ASN A 57 -6.69 13.86 36.53
N ALA A 58 -6.77 12.95 35.58
CA ALA A 58 -6.38 11.56 35.79
C ALA A 58 -4.86 11.40 36.00
N VAL A 59 -4.12 12.23 35.29
CA VAL A 59 -2.67 12.23 35.51
C VAL A 59 -2.41 12.78 36.92
N TYR A 60 -3.08 13.85 37.27
CA TYR A 60 -2.76 14.55 38.53
C TYR A 60 -3.13 13.68 39.71
N SER A 61 -3.99 12.70 39.49
CA SER A 61 -4.32 11.74 40.57
C SER A 61 -3.36 10.55 40.67
N LYS A 62 -2.98 10.09 39.55
CA LYS A 62 -2.00 8.98 39.46
C LYS A 62 -0.67 9.50 39.98
N PHE A 63 -0.34 10.74 39.61
CA PHE A 63 0.98 11.31 39.98
C PHE A 63 0.85 12.62 40.74
N PRO A 64 0.37 12.60 42.00
CA PRO A 64 0.17 13.86 42.76
C PRO A 64 1.40 14.75 42.90
N TYR A 65 2.66 14.28 42.79
CA TYR A 65 3.85 15.18 42.75
C TYR A 65 3.80 16.31 41.71
N THR A 66 3.05 16.07 40.66
CA THR A 66 3.04 16.95 39.48
C THR A 66 2.24 18.20 39.81
N THR A 67 1.50 18.07 40.86
CA THR A 67 0.85 19.30 41.28
C THR A 67 1.45 19.94 42.55
N SER A 68 2.39 19.34 43.17
CA SER A 68 2.90 19.87 44.42
C SER A 68 4.40 20.16 44.31
N GLN A 69 5.09 19.44 43.48
CA GLN A 69 6.50 19.82 43.24
C GLN A 69 6.74 21.14 42.50
N ASN A 70 7.79 21.78 42.91
CA ASN A 70 8.21 23.09 42.50
C ASN A 70 9.00 22.95 41.19
N GLY A 71 8.79 23.84 40.25
CA GLY A 71 9.63 23.86 39.03
C GLY A 71 8.76 23.94 37.78
N PRO A 72 9.33 24.52 36.76
CA PRO A 72 8.50 24.98 35.62
C PRO A 72 7.95 23.80 34.83
N ASN A 73 8.48 22.62 34.95
CA ASN A 73 7.98 21.44 34.22
C ASN A 73 6.76 20.78 34.84
N PHE A 74 6.36 21.26 35.99
CA PHE A 74 5.21 20.69 36.75
C PHE A 74 3.95 21.53 36.71
N ALA A 75 2.84 20.92 37.06
CA ALA A 75 1.54 21.58 36.95
C ALA A 75 1.12 22.14 38.33
N SER A 76 2.14 22.54 39.11
CA SER A 76 1.96 23.04 40.50
C SER A 76 1.69 24.53 40.43
N THR A 77 1.68 25.04 39.23
CA THR A 77 1.32 26.44 39.01
C THR A 77 0.23 26.56 37.93
N GLN A 78 -0.38 27.73 37.81
CA GLN A 78 -1.54 27.92 36.88
C GLN A 78 -1.13 27.75 35.42
N THR A 79 0.03 28.23 35.15
CA THR A 79 0.64 28.09 33.82
C THR A 79 0.97 26.66 33.51
N GLY A 80 1.41 25.96 34.52
CA GLY A 80 1.82 24.56 34.34
C GLY A 80 0.59 23.74 34.02
N LYS A 81 -0.48 24.10 34.71
CA LYS A 81 -1.74 23.34 34.51
C LYS A 81 -2.32 23.66 33.13
N ASP A 82 -2.37 24.95 32.80
CA ASP A 82 -2.72 25.35 31.43
C ASP A 82 -1.84 24.62 30.36
N LYS A 83 -0.49 24.64 30.52
CA LYS A 83 0.36 23.96 29.57
C LYS A 83 0.08 22.46 29.44
N CYS A 84 -0.25 21.87 30.54
CA CYS A 84 -0.55 20.42 30.54
C CYS A 84 -1.81 20.01 29.74
N VAL A 85 -2.90 20.72 29.99
CA VAL A 85 -4.13 20.38 29.25
C VAL A 85 -4.05 20.81 27.77
N ARG A 86 -3.25 21.83 27.52
CA ARG A 86 -2.97 22.25 26.14
C ARG A 86 -2.27 21.09 25.44
N ASP A 87 -1.29 20.53 26.12
CA ASP A 87 -0.51 19.40 25.53
C ASP A 87 -1.40 18.21 25.22
N ILE A 88 -2.27 17.87 26.18
CA ILE A 88 -3.12 16.69 25.97
C ILE A 88 -4.12 16.91 24.79
N GLY A 89 -4.62 18.11 24.71
CA GLY A 89 -5.50 18.55 23.60
C GLY A 89 -4.80 18.48 22.25
N TYR A 90 -3.46 18.63 22.22
CA TYR A 90 -2.68 18.39 20.99
C TYR A 90 -2.64 16.90 20.59
N TYR A 91 -2.38 15.99 21.53
CA TYR A 91 -2.49 14.51 21.29
C TYR A 91 -3.87 14.16 20.75
N LEU A 92 -4.88 14.66 21.41
CA LEU A 92 -6.26 14.33 20.96
C LEU A 92 -6.60 14.89 19.59
N ARG A 93 -6.16 16.09 19.33
CA ARG A 93 -6.36 16.69 18.02
C ARG A 93 -5.58 15.98 16.91
N MET A 94 -4.34 15.60 17.21
CA MET A 94 -3.63 14.72 16.25
C MET A 94 -4.37 13.40 16.00
N VAL A 95 -4.95 12.82 17.00
CA VAL A 95 -5.60 11.46 16.77
C VAL A 95 -6.84 11.62 15.88
N THR A 96 -7.50 12.74 15.98
CA THR A 96 -8.66 12.99 15.09
C THR A 96 -8.19 13.17 13.62
N TYR A 97 -7.01 13.80 13.44
CA TYR A 97 -6.42 13.97 12.09
C TYR A 97 -6.08 12.65 11.46
N CYS A 98 -5.58 11.79 12.29
CA CYS A 98 -5.19 10.41 11.89
C CYS A 98 -6.42 9.64 11.40
N LEU A 99 -7.54 9.86 12.08
CA LEU A 99 -8.82 9.25 11.63
C LEU A 99 -9.22 9.79 10.27
N VAL A 100 -9.09 11.07 10.13
CA VAL A 100 -9.52 11.70 8.87
C VAL A 100 -8.72 11.24 7.62
N VAL A 101 -7.40 11.04 7.78
CA VAL A 101 -6.56 10.57 6.67
C VAL A 101 -6.43 9.05 6.63
N GLY A 102 -6.91 8.35 7.66
CA GLY A 102 -6.67 6.89 7.82
C GLY A 102 -5.18 6.48 7.90
N GLY A 103 -4.42 7.17 8.75
CA GLY A 103 -3.10 6.56 9.10
C GLY A 103 -2.39 7.46 10.08
N THR A 104 -1.21 7.09 10.42
CA THR A 104 -0.46 7.79 11.49
C THR A 104 0.24 9.07 11.04
N GLY A 105 0.24 9.38 9.72
CA GLY A 105 0.93 10.59 9.19
C GLY A 105 0.82 11.88 10.07
N PRO A 106 -0.37 12.39 10.50
CA PRO A 106 -0.40 13.60 11.36
C PRO A 106 0.36 13.40 12.66
N LEU A 107 0.36 12.23 13.27
CA LEU A 107 1.07 12.01 14.53
C LEU A 107 2.58 12.10 14.28
N ASP A 108 2.99 11.42 13.22
CA ASP A 108 4.41 11.33 12.90
C ASP A 108 4.96 12.70 12.59
N ASP A 109 4.20 13.38 11.77
CA ASP A 109 4.70 14.63 11.22
C ASP A 109 4.67 15.74 12.23
N TYR A 110 3.58 15.77 12.99
CA TYR A 110 3.44 16.99 13.86
C TYR A 110 3.88 16.85 15.33
N LEU A 111 3.93 15.60 15.76
CA LEU A 111 4.02 15.32 17.19
C LEU A 111 5.17 14.35 17.54
N ILE A 112 5.26 13.21 16.87
CA ILE A 112 6.12 12.12 17.31
C ILE A 112 7.56 12.38 16.94
N GLY A 113 7.73 12.97 15.78
CA GLY A 113 9.14 13.20 15.38
C GLY A 113 9.73 14.42 16.10
N GLY A 114 10.68 14.14 16.95
CA GLY A 114 11.14 15.21 17.88
C GLY A 114 10.80 15.06 19.38
N ILE A 115 9.75 14.34 19.71
CA ILE A 115 9.17 14.39 21.05
C ILE A 115 10.13 13.92 22.15
N ALA A 116 10.99 12.98 21.83
CA ALA A 116 12.00 12.56 22.80
C ALA A 116 12.91 13.74 23.20
N GLU A 117 13.32 14.53 22.21
CA GLU A 117 14.23 15.59 22.51
C GLU A 117 13.53 16.56 23.41
N ILE A 118 12.28 16.83 23.10
CA ILE A 118 11.51 17.80 23.89
C ILE A 118 11.30 17.36 25.36
N ASN A 119 10.90 16.14 25.54
CA ASN A 119 10.66 15.50 26.85
C ASN A 119 11.90 15.50 27.71
N ARG A 120 13.01 15.25 27.10
CA ARG A 120 14.30 15.30 27.91
C ARG A 120 14.76 16.71 28.21
N THR A 121 14.67 17.56 27.26
CA THR A 121 15.09 18.97 27.55
C THR A 121 14.19 19.65 28.57
N PHE A 122 12.90 19.46 28.39
CA PHE A 122 12.02 20.16 29.33
C PHE A 122 11.67 19.30 30.55
N ASP A 123 12.26 18.12 30.64
CA ASP A 123 12.06 17.23 31.80
C ASP A 123 10.58 16.90 32.03
N LEU A 124 9.92 16.48 30.96
CA LEU A 124 8.50 16.10 31.04
C LEU A 124 8.54 14.60 30.97
N SER A 125 7.82 13.91 31.81
CA SER A 125 7.93 12.43 31.85
C SER A 125 6.96 11.76 30.86
N PRO A 126 7.45 10.89 29.97
CA PRO A 126 6.54 10.16 29.04
C PRO A 126 5.36 9.52 29.75
N SER A 127 5.72 8.93 30.91
CA SER A 127 4.66 8.30 31.70
C SER A 127 3.45 9.15 32.05
N TRP A 128 3.60 10.51 32.13
CA TRP A 128 2.46 11.39 32.32
C TRP A 128 1.51 11.30 31.09
N TYR A 129 2.06 11.28 29.88
CA TYR A 129 1.26 11.24 28.63
C TYR A 129 0.64 9.85 28.39
N VAL A 130 1.37 8.80 28.78
CA VAL A 130 0.80 7.45 28.60
C VAL A 130 -0.41 7.28 29.51
N GLU A 131 -0.31 7.84 30.71
CA GLU A 131 -1.48 7.86 31.57
C GLU A 131 -2.69 8.60 30.94
N ALA A 132 -2.50 9.84 30.49
CA ALA A 132 -3.51 10.69 29.81
C ALA A 132 -4.09 9.90 28.65
N LEU A 133 -3.25 9.18 27.90
CA LEU A 133 -3.80 8.46 26.73
C LEU A 133 -4.60 7.20 27.08
N LYS A 134 -4.29 6.57 28.20
CA LYS A 134 -5.08 5.42 28.63
C LYS A 134 -6.44 5.87 29.16
N TYR A 135 -6.48 7.07 29.78
CA TYR A 135 -7.79 7.66 30.16
C TYR A 135 -8.73 7.87 28.93
N ILE A 136 -8.17 8.54 27.93
CA ILE A 136 -8.89 8.88 26.71
C ILE A 136 -9.48 7.61 26.11
N LYS A 137 -8.70 6.58 26.15
CA LYS A 137 -9.20 5.37 25.51
C LYS A 137 -10.31 4.68 26.30
N ALA A 138 -10.33 4.98 27.56
CA ALA A 138 -11.25 4.28 28.45
C ALA A 138 -12.52 5.08 28.49
N ASN A 139 -12.45 6.32 28.10
CA ASN A 139 -13.57 7.25 28.26
C ASN A 139 -14.12 7.80 26.93
N HIS A 140 -13.62 7.44 25.77
CA HIS A 140 -14.12 8.23 24.60
C HIS A 140 -15.52 7.79 24.18
N GLY A 141 -15.93 6.63 24.63
CA GLY A 141 -17.31 6.15 24.43
C GLY A 141 -17.61 5.61 23.03
N LEU A 142 -16.58 5.44 22.22
CA LEU A 142 -16.78 4.79 20.89
C LEU A 142 -17.00 3.27 20.97
N SER A 143 -17.62 2.77 19.96
CA SER A 143 -17.63 1.31 19.89
C SER A 143 -17.43 0.86 18.44
N GLY A 144 -17.25 -0.45 18.30
CA GLY A 144 -17.12 -1.08 16.98
C GLY A 144 -15.91 -0.53 16.24
N ASP A 145 -15.99 -0.57 14.92
CA ASP A 145 -14.85 -0.15 14.10
C ASP A 145 -14.28 1.22 14.48
N PRO A 146 -15.13 2.22 14.70
CA PRO A 146 -14.67 3.52 15.18
C PRO A 146 -13.76 3.39 16.40
N ALA A 147 -14.17 2.55 17.32
CA ALA A 147 -13.30 2.48 18.49
C ALA A 147 -12.01 1.72 18.18
N VAL A 148 -12.12 0.63 17.41
CA VAL A 148 -10.90 -0.12 17.14
C VAL A 148 -9.91 0.77 16.39
N GLU A 149 -10.39 1.56 15.49
CA GLU A 149 -9.35 2.30 14.76
C GLU A 149 -8.92 3.54 15.52
N ALA A 150 -9.72 4.14 16.34
CA ALA A 150 -9.18 5.25 17.17
C ALA A 150 -8.16 4.76 18.21
N ASN A 151 -8.46 3.60 18.77
CA ASN A 151 -7.53 3.05 19.75
C ASN A 151 -6.18 2.70 19.13
N SER A 152 -6.21 2.26 17.90
CA SER A 152 -5.00 1.96 17.12
C SER A 152 -3.97 3.11 17.16
N TYR A 153 -4.47 4.30 16.88
CA TYR A 153 -3.66 5.55 16.89
C TYR A 153 -3.26 5.95 18.31
N ILE A 154 -4.15 5.84 19.29
CA ILE A 154 -3.80 6.10 20.68
C ILE A 154 -2.66 5.14 21.13
N ASP A 155 -2.80 3.83 20.81
CA ASP A 155 -1.74 2.83 21.14
C ASP A 155 -0.44 3.00 20.36
N TYR A 156 -0.55 3.62 19.20
CA TYR A 156 0.67 3.96 18.48
C TYR A 156 1.42 5.05 19.26
N ALA A 157 0.66 6.06 19.74
CA ALA A 157 1.33 7.09 20.51
C ALA A 157 1.94 6.46 21.76
N ILE A 158 1.15 5.67 22.46
CA ILE A 158 1.65 5.07 23.70
C ILE A 158 2.96 4.32 23.40
N ASN A 159 3.05 3.64 22.25
CA ASN A 159 4.20 2.75 22.07
C ASN A 159 5.34 3.66 21.66
N ALA A 160 5.05 4.83 21.14
CA ALA A 160 6.20 5.67 20.83
C ALA A 160 6.81 6.25 22.09
N LEU A 161 6.00 6.22 23.12
CA LEU A 161 6.51 6.76 24.40
C LEU A 161 7.17 5.71 25.32
N SER A 162 7.13 4.44 24.96
CA SER A 162 7.51 3.43 25.95
C SER A 162 8.60 2.53 25.38
N MET B 1 4.17 14.49 -0.10
CA MET B 1 2.95 14.80 -0.89
C MET B 1 1.71 14.72 -0.01
N LEU B 2 0.67 15.33 -0.51
CA LEU B 2 -0.61 15.27 0.23
C LEU B 2 -1.67 14.68 -0.65
N ASP B 3 -2.68 14.13 -0.01
CA ASP B 3 -3.92 13.73 -0.67
C ASP B 3 -5.01 14.76 -0.34
N ALA B 4 -6.24 14.51 -0.80
CA ALA B 4 -7.29 15.49 -0.54
C ALA B 4 -7.58 15.61 0.96
N PHE B 5 -7.43 14.49 1.70
CA PHE B 5 -7.68 14.44 3.15
C PHE B 5 -6.58 15.19 3.90
N ALA B 6 -5.32 14.84 3.59
CA ALA B 6 -4.17 15.40 4.26
C ALA B 6 -4.11 16.91 4.10
N LYS B 7 -4.53 17.31 2.94
CA LYS B 7 -4.45 18.73 2.57
C LYS B 7 -5.29 19.58 3.52
N VAL B 8 -6.42 19.02 3.92
CA VAL B 8 -7.40 19.72 4.81
C VAL B 8 -6.88 19.79 6.25
N VAL B 9 -6.33 18.68 6.63
CA VAL B 9 -5.69 18.51 7.94
C VAL B 9 -4.49 19.44 8.06
N SER B 10 -3.70 19.51 7.00
CA SER B 10 -2.55 20.37 7.17
C SER B 10 -2.88 21.88 7.24
N GLN B 11 -3.97 22.31 6.58
CA GLN B 11 -4.45 23.70 6.70
C GLN B 11 -5.13 23.94 8.07
N ALA B 12 -5.79 22.92 8.64
CA ALA B 12 -6.33 22.96 10.02
C ALA B 12 -5.21 23.02 11.08
N ASP B 13 -4.16 22.21 10.95
CA ASP B 13 -3.09 22.24 11.99
C ASP B 13 -2.41 23.60 12.11
N ALA B 14 -2.19 24.22 11.00
CA ALA B 14 -1.54 25.56 11.00
C ALA B 14 -2.41 26.58 11.72
N ARG B 15 -3.72 26.30 11.81
CA ARG B 15 -4.60 27.22 12.53
C ARG B 15 -4.87 26.69 13.93
N GLY B 16 -4.39 25.53 14.25
CA GLY B 16 -4.70 24.96 15.58
C GLY B 16 -6.14 24.42 15.74
N GLU B 17 -6.84 24.18 14.65
CA GLU B 17 -8.24 23.74 14.81
C GLU B 17 -8.47 22.29 14.53
N TYR B 18 -9.50 21.78 15.14
CA TYR B 18 -10.22 20.57 14.66
C TYR B 18 -10.97 20.88 13.37
N LEU B 19 -11.15 19.87 12.57
CA LEU B 19 -12.00 20.04 11.40
C LEU B 19 -13.41 20.29 11.95
N SER B 20 -14.12 21.14 11.24
CA SER B 20 -15.58 21.34 11.42
C SER B 20 -16.38 20.25 10.68
N GLY B 21 -17.63 20.05 11.20
CA GLY B 21 -18.69 19.16 10.67
C GLY B 21 -18.92 19.41 9.18
N SER B 22 -18.79 20.65 8.80
CA SER B 22 -18.78 21.00 7.39
C SER B 22 -17.66 20.41 6.53
N GLN B 23 -16.46 20.50 7.08
CA GLN B 23 -15.29 19.96 6.42
C GLN B 23 -15.40 18.45 6.40
N ILE B 24 -15.91 17.90 7.48
CA ILE B 24 -16.01 16.45 7.49
C ILE B 24 -17.05 16.03 6.44
N ASP B 25 -18.15 16.73 6.32
CA ASP B 25 -19.13 16.30 5.29
C ASP B 25 -18.57 16.35 3.86
N ALA B 26 -17.87 17.42 3.58
CA ALA B 26 -17.25 17.53 2.25
C ALA B 26 -16.25 16.42 1.88
N LEU B 27 -15.48 15.96 2.85
CA LEU B 27 -14.63 14.80 2.64
C LEU B 27 -15.47 13.52 2.47
N SER B 28 -16.57 13.43 3.21
CA SER B 28 -17.53 12.29 2.98
C SER B 28 -17.98 12.32 1.50
N ALA B 29 -18.31 13.49 0.96
CA ALA B 29 -18.75 13.53 -0.45
C ALA B 29 -17.68 13.02 -1.42
N LEU B 30 -16.45 13.34 -1.12
CA LEU B 30 -15.29 12.78 -1.84
C LEU B 30 -15.25 11.24 -1.78
N VAL B 31 -15.47 10.66 -0.58
CA VAL B 31 -15.47 9.18 -0.42
C VAL B 31 -16.60 8.50 -1.23
N ALA B 32 -17.74 9.20 -1.28
CA ALA B 32 -18.93 8.85 -2.08
C ALA B 32 -18.64 8.72 -3.56
N ASP B 33 -17.80 9.57 -4.07
CA ASP B 33 -17.27 9.45 -5.45
C ASP B 33 -16.03 8.57 -5.62
N GLY B 34 -15.66 7.83 -4.59
CA GLY B 34 -14.49 6.90 -4.58
C GLY B 34 -14.42 5.96 -5.78
N ASN B 35 -15.52 5.20 -5.99
CA ASN B 35 -15.49 4.22 -7.14
C ASN B 35 -15.31 4.91 -8.49
N LYS B 36 -15.99 6.07 -8.64
CA LYS B 36 -15.97 6.82 -9.92
C LYS B 36 -14.56 7.32 -10.24
N ARG B 37 -13.89 7.76 -9.18
CA ARG B 37 -12.50 8.18 -9.32
C ARG B 37 -11.59 7.02 -9.72
N MET B 38 -11.87 5.84 -9.21
CA MET B 38 -10.99 4.74 -9.53
C MET B 38 -11.26 4.27 -10.97
N ASP B 39 -12.55 4.41 -11.41
CA ASP B 39 -12.83 4.13 -12.83
C ASP B 39 -12.09 5.06 -13.78
N VAL B 40 -12.01 6.33 -13.45
CA VAL B 40 -11.15 7.31 -14.22
C VAL B 40 -9.66 6.91 -14.16
N VAL B 41 -9.14 6.53 -13.01
CA VAL B 41 -7.73 6.13 -12.94
C VAL B 41 -7.51 4.85 -13.75
N ASN B 42 -8.45 3.94 -13.60
CA ASN B 42 -8.35 2.62 -14.29
C ASN B 42 -8.34 2.76 -15.82
N ARG B 43 -9.20 3.61 -16.28
CA ARG B 43 -9.52 3.74 -17.71
C ARG B 43 -8.40 4.42 -18.44
N ILE B 44 -7.91 5.51 -17.90
CA ILE B 44 -6.81 6.27 -18.55
C ILE B 44 -5.57 5.38 -18.47
N THR B 45 -5.44 4.66 -17.34
CA THR B 45 -4.22 3.78 -17.22
C THR B 45 -4.21 2.66 -18.25
N GLY B 46 -5.38 2.13 -18.45
CA GLY B 46 -5.55 0.94 -19.31
C GLY B 46 -5.31 1.35 -20.75
N ASN B 47 -5.34 2.64 -21.09
CA ASN B 47 -5.17 3.05 -22.52
C ASN B 47 -3.95 3.98 -22.66
N SER B 48 -3.09 3.88 -21.67
CA SER B 48 -2.03 4.91 -21.56
C SER B 48 -1.12 4.93 -22.81
N SER B 49 -0.73 3.83 -23.36
CA SER B 49 0.17 3.75 -24.55
C SER B 49 -0.43 4.43 -25.79
N THR B 50 -1.69 4.15 -25.97
CA THR B 50 -2.49 4.67 -27.12
C THR B 50 -2.76 6.15 -27.04
N ILE B 51 -3.09 6.61 -25.82
CA ILE B 51 -3.17 8.07 -25.59
C ILE B 51 -1.86 8.81 -25.91
N VAL B 52 -0.75 8.27 -25.41
CA VAL B 52 0.56 8.85 -25.74
C VAL B 52 0.83 8.80 -27.25
N ALA B 53 0.72 7.59 -27.85
CA ALA B 53 1.12 7.47 -29.29
C ALA B 53 0.31 8.41 -30.14
N ASN B 54 -1.01 8.33 -29.94
CA ASN B 54 -1.91 9.07 -30.83
C ASN B 54 -1.74 10.56 -30.61
N ALA B 55 -1.49 10.94 -29.38
CA ALA B 55 -1.19 12.36 -29.12
C ALA B 55 0.06 12.85 -29.86
N ALA B 56 1.11 12.02 -29.84
CA ALA B 56 2.41 12.44 -30.47
C ALA B 56 2.28 12.44 -31.99
N ARG B 57 1.52 11.48 -32.49
CA ARG B 57 1.25 11.39 -33.93
C ARG B 57 0.54 12.63 -34.45
N SER B 58 -0.36 13.14 -33.68
CA SER B 58 -1.09 14.33 -34.12
C SER B 58 -0.33 15.66 -33.95
N LEU B 59 0.51 15.66 -32.96
CA LEU B 59 1.40 16.80 -32.74
C LEU B 59 2.37 16.88 -33.91
N PHE B 60 2.94 15.78 -34.27
CA PHE B 60 4.02 15.84 -35.28
C PHE B 60 3.40 16.08 -36.65
N ALA B 61 2.12 15.75 -36.80
CA ALA B 61 1.43 16.02 -38.05
C ALA B 61 1.08 17.51 -38.18
N GLU B 62 0.69 18.07 -37.09
CA GLU B 62 0.36 19.50 -37.10
C GLU B 62 1.63 20.33 -37.13
N GLN B 63 2.67 19.80 -36.53
CA GLN B 63 3.90 20.61 -36.36
C GLN B 63 5.14 19.90 -36.91
N PRO B 64 5.21 19.86 -38.22
CA PRO B 64 6.23 19.00 -38.87
C PRO B 64 7.70 19.47 -38.69
N GLN B 65 7.86 20.70 -38.26
CA GLN B 65 9.19 21.21 -38.03
C GLN B 65 9.87 20.56 -36.82
N LEU B 66 9.05 19.97 -35.92
CA LEU B 66 9.72 19.40 -34.74
C LEU B 66 10.43 18.14 -35.18
N ILE B 67 9.91 17.50 -36.25
CA ILE B 67 10.57 16.28 -36.73
C ILE B 67 11.50 16.41 -37.94
N ALA B 68 11.42 17.51 -38.67
CA ALA B 68 12.36 17.77 -39.76
C ALA B 68 13.80 17.76 -39.19
N PRO B 69 14.82 17.38 -39.98
CA PRO B 69 16.24 17.47 -39.50
C PRO B 69 16.59 18.80 -38.85
N GLY B 70 17.23 18.67 -37.71
CA GLY B 70 17.50 19.93 -37.03
C GLY B 70 16.38 20.19 -36.00
N GLY B 71 15.22 19.46 -36.08
CA GLY B 71 14.05 19.71 -35.17
C GLY B 71 14.29 19.13 -33.76
N MEN B 72 13.64 19.67 -32.72
CA MEN B 72 13.91 19.24 -31.33
C MEN B 72 13.43 17.81 -31.13
O MEN B 72 13.94 17.05 -30.33
CB MEN B 72 13.27 20.19 -30.25
CG MEN B 72 13.91 19.99 -28.86
OD1 MEN B 72 13.23 19.63 -27.91
ND2 MEN B 72 15.22 20.25 -28.76
CE2 MEN B 72 16.07 20.17 -27.60
N ALA B 73 12.62 17.35 -32.03
CA ALA B 73 12.33 15.94 -31.83
C ALA B 73 12.84 15.06 -33.00
N TYR B 74 13.84 15.58 -33.70
CA TYR B 74 14.56 14.84 -34.74
C TYR B 74 15.75 14.10 -34.09
N THR B 75 16.07 12.87 -34.61
CA THR B 75 17.08 11.86 -34.15
C THR B 75 16.40 10.93 -33.16
N SER B 76 16.87 9.68 -33.05
CA SER B 76 16.09 8.74 -32.16
C SER B 76 16.13 9.08 -30.69
N ARG B 77 17.30 9.52 -30.20
CA ARG B 77 17.37 9.89 -28.74
C ARG B 77 16.42 11.01 -28.40
N ARG B 78 16.29 11.99 -29.28
CA ARG B 78 15.35 13.11 -28.99
C ARG B 78 13.84 12.73 -29.06
N MET B 79 13.48 12.04 -30.10
CA MET B 79 12.12 11.42 -30.20
C MET B 79 11.77 10.54 -28.96
N ALA B 80 12.65 9.63 -28.60
CA ALA B 80 12.49 8.80 -27.41
C ALA B 80 12.34 9.66 -26.14
N ALA B 81 13.15 10.73 -26.03
CA ALA B 81 12.97 11.64 -24.88
C ALA B 81 11.61 12.33 -24.88
N CYS B 82 11.18 12.76 -26.05
CA CYS B 82 9.90 13.42 -26.11
C CYS B 82 8.71 12.50 -25.74
N LEU B 83 8.76 11.27 -26.21
CA LEU B 83 7.60 10.38 -25.92
C LEU B 83 7.65 10.02 -24.42
N ARG B 84 8.90 9.82 -23.93
CA ARG B 84 9.14 9.57 -22.50
C ARG B 84 8.48 10.70 -21.66
N ASP B 85 8.63 11.98 -22.12
CA ASP B 85 8.11 13.13 -21.35
C ASP B 85 6.60 13.12 -21.33
N MET B 86 6.07 12.80 -22.50
CA MET B 86 4.59 12.64 -22.58
C MET B 86 4.09 11.52 -21.65
N GLU B 87 4.73 10.37 -21.65
CA GLU B 87 4.27 9.32 -20.73
C GLU B 87 4.40 9.75 -19.26
N ILE B 88 5.49 10.47 -18.94
CA ILE B 88 5.73 10.86 -17.53
C ILE B 88 4.61 11.82 -17.09
N ILE B 89 4.28 12.74 -17.95
CA ILE B 89 3.31 13.78 -17.51
C ILE B 89 1.94 13.12 -17.32
N LEU B 90 1.61 12.20 -18.17
CA LEU B 90 0.31 11.44 -18.03
C LEU B 90 0.28 10.65 -16.72
N ARG B 91 1.39 9.94 -16.43
CA ARG B 91 1.49 9.16 -15.21
C ARG B 91 1.26 10.04 -13.99
N TYR B 92 1.92 11.17 -13.90
CA TYR B 92 1.70 12.02 -12.71
C TYR B 92 0.34 12.74 -12.68
N VAL B 93 -0.25 12.97 -13.82
CA VAL B 93 -1.69 13.37 -13.82
C VAL B 93 -2.55 12.26 -13.19
N THR B 94 -2.24 10.99 -13.46
CA THR B 94 -3.11 9.91 -12.90
C THR B 94 -2.90 9.70 -11.40
N TYR B 95 -1.68 9.98 -10.92
CA TYR B 95 -1.37 10.07 -9.49
C TYR B 95 -2.24 11.13 -8.82
N ALA B 96 -2.31 12.32 -9.38
CA ALA B 96 -3.07 13.44 -8.77
C ALA B 96 -4.57 13.09 -8.75
N ILE B 97 -5.00 12.41 -9.83
CA ILE B 97 -6.42 12.02 -9.87
C ILE B 97 -6.71 10.97 -8.78
N PHE B 98 -5.82 10.03 -8.63
CA PHE B 98 -5.95 9.03 -7.57
C PHE B 98 -6.01 9.67 -6.18
N ALA B 99 -5.13 10.65 -5.94
CA ALA B 99 -4.99 11.15 -4.53
C ALA B 99 -5.96 12.31 -4.26
N GLY B 100 -6.42 12.94 -5.36
CA GLY B 100 -7.40 14.02 -5.30
C GLY B 100 -6.73 15.24 -4.70
N ASP B 101 -5.47 15.33 -5.02
CA ASP B 101 -4.73 16.58 -4.81
C ASP B 101 -3.58 16.72 -5.83
N ALA B 102 -3.34 17.94 -6.27
CA ALA B 102 -2.20 18.21 -7.21
C ALA B 102 -0.78 18.18 -6.61
N SER B 103 -0.58 18.11 -5.27
CA SER B 103 0.81 18.11 -4.71
C SER B 103 1.76 17.35 -5.62
N VAL B 104 1.42 16.11 -5.93
CA VAL B 104 2.49 15.20 -6.42
C VAL B 104 2.96 15.63 -7.81
N LEU B 105 1.97 16.10 -8.61
CA LEU B 105 2.15 16.63 -9.98
C LEU B 105 3.04 17.87 -9.88
N ASP B 106 2.71 18.81 -8.97
CA ASP B 106 3.56 20.01 -8.93
C ASP B 106 4.94 19.63 -8.44
N ASP B 107 4.91 18.90 -7.35
CA ASP B 107 6.19 18.71 -6.61
C ASP B 107 7.14 17.83 -7.41
N ARG B 108 6.66 16.71 -7.93
CA ARG B 108 7.51 15.68 -8.55
C ARG B 108 7.62 15.90 -10.04
N CYS B 109 6.70 16.64 -10.59
CA CYS B 109 6.73 16.59 -12.06
C CYS B 109 6.98 17.98 -12.67
N LEU B 110 6.07 18.89 -12.42
CA LEU B 110 6.05 20.19 -13.09
C LEU B 110 7.15 21.12 -12.55
N ASN B 111 7.61 20.84 -11.32
CA ASN B 111 8.41 21.90 -10.68
C ASN B 111 9.76 22.01 -11.37
N GLY B 112 10.00 23.15 -12.01
CA GLY B 112 11.28 23.40 -12.73
C GLY B 112 11.30 22.92 -14.18
N LEU B 113 10.11 22.43 -14.64
CA LEU B 113 10.00 21.90 -16.00
C LEU B 113 10.29 22.94 -17.07
N LYS B 114 9.53 24.01 -16.97
CA LYS B 114 9.63 25.14 -17.87
C LYS B 114 11.08 25.67 -17.96
N GLU B 115 11.78 25.73 -16.85
CA GLU B 115 13.19 26.17 -16.94
C GLU B 115 14.08 25.10 -17.60
N THR B 116 13.69 23.81 -17.46
CA THR B 116 14.43 22.71 -18.14
C THR B 116 14.31 22.78 -19.66
N TYR B 117 13.12 22.98 -20.11
CA TYR B 117 12.95 23.11 -21.53
C TYR B 117 13.61 24.37 -22.10
N LEU B 118 13.57 25.45 -21.34
CA LEU B 118 14.13 26.76 -21.67
C LEU B 118 15.63 26.58 -21.84
N ALA B 119 16.19 25.82 -20.94
CA ALA B 119 17.64 25.49 -21.04
C ALA B 119 17.94 24.56 -22.19
N LEU B 120 17.00 23.64 -22.47
CA LEU B 120 17.22 22.68 -23.55
C LEU B 120 16.96 23.22 -24.96
N GLY B 121 16.09 24.19 -25.08
CA GLY B 121 15.75 24.56 -26.45
C GLY B 121 14.50 23.79 -26.91
N THR B 122 13.87 23.10 -25.97
CA THR B 122 12.61 22.43 -26.25
C THR B 122 11.45 23.45 -26.21
N PRO B 123 10.67 23.54 -27.30
CA PRO B 123 9.51 24.47 -27.34
C PRO B 123 8.39 24.07 -26.39
N GLY B 124 8.35 24.75 -25.23
CA GLY B 124 7.32 24.46 -24.20
C GLY B 124 5.92 24.55 -24.78
N SER B 125 5.71 25.38 -25.76
CA SER B 125 4.32 25.58 -26.16
C SER B 125 3.86 24.43 -27.03
N SER B 126 4.81 23.75 -27.66
CA SER B 126 4.48 22.52 -28.38
C SER B 126 4.24 21.38 -27.37
N VAL B 127 5.02 21.38 -26.32
CA VAL B 127 4.81 20.40 -25.25
C VAL B 127 3.37 20.54 -24.75
N ALA B 128 2.90 21.77 -24.66
CA ALA B 128 1.59 22.05 -24.09
C ALA B 128 0.50 21.57 -25.06
N VAL B 129 0.68 21.73 -26.36
CA VAL B 129 -0.31 21.16 -27.31
C VAL B 129 -0.37 19.65 -27.12
N GLY B 130 0.78 18.99 -26.92
CA GLY B 130 0.82 17.51 -26.74
C GLY B 130 -0.02 17.12 -25.51
N VAL B 131 0.07 17.99 -24.46
CA VAL B 131 -0.63 17.69 -23.20
C VAL B 131 -2.15 17.86 -23.38
N GLN B 132 -2.47 18.87 -24.19
CA GLN B 132 -3.87 19.09 -24.49
C GLN B 132 -4.51 17.99 -25.33
N LYS B 133 -3.75 17.46 -26.24
CA LYS B 133 -4.31 16.35 -27.06
C LYS B 133 -4.46 15.10 -26.19
N MET B 134 -3.50 14.88 -25.26
CA MET B 134 -3.69 13.79 -24.22
C MET B 134 -4.90 14.09 -23.32
N LYS B 135 -5.11 15.36 -22.90
CA LYS B 135 -6.33 15.66 -22.19
C LYS B 135 -7.66 15.27 -22.87
N ASP B 136 -7.82 15.68 -24.11
CA ASP B 136 -9.12 15.38 -24.77
C ASP B 136 -9.35 13.88 -24.90
N ALA B 137 -8.23 13.20 -25.21
CA ALA B 137 -8.40 11.75 -25.36
C ALA B 137 -8.76 11.12 -24.01
N ALA B 138 -8.16 11.63 -22.99
CA ALA B 138 -8.40 10.93 -21.71
C ALA B 138 -9.80 11.27 -21.22
N LEU B 139 -10.26 12.45 -21.54
CA LEU B 139 -11.58 12.79 -20.98
C LEU B 139 -12.64 11.98 -21.72
N ALA B 140 -12.31 11.60 -22.93
CA ALA B 140 -13.22 10.80 -23.76
C ALA B 140 -13.21 9.33 -23.36
N ILE B 141 -12.05 8.82 -23.01
CA ILE B 141 -12.05 7.43 -22.51
C ILE B 141 -12.67 7.21 -21.12
N ALA B 142 -12.42 8.13 -20.23
CA ALA B 142 -12.92 8.13 -18.83
C ALA B 142 -14.44 8.40 -18.76
N GLY B 143 -14.98 9.15 -19.73
CA GLY B 143 -16.42 9.54 -19.85
C GLY B 143 -17.27 8.56 -20.67
N ASP B 144 -16.64 7.52 -21.23
CA ASP B 144 -17.43 6.59 -22.00
C ASP B 144 -18.49 5.84 -21.14
N THR B 145 -19.77 6.04 -21.51
CA THR B 145 -20.92 5.52 -20.75
C THR B 145 -21.21 4.04 -21.05
N ASN B 146 -20.42 3.44 -21.91
CA ASN B 146 -20.52 1.98 -22.10
C ASN B 146 -19.79 1.13 -21.07
N GLY B 147 -20.43 0.02 -20.66
CA GLY B 147 -19.81 -0.97 -19.79
C GLY B 147 -19.51 -0.41 -18.39
N ILE B 148 -20.32 0.50 -17.92
CA ILE B 148 -20.22 1.06 -16.55
C ILE B 148 -21.65 1.38 -16.03
N THR B 149 -21.75 1.45 -14.70
CA THR B 149 -22.96 1.93 -14.04
C THR B 149 -23.06 3.42 -14.28
N ARG B 150 -24.20 3.80 -14.83
CA ARG B 150 -24.49 5.21 -15.16
C ARG B 150 -24.66 6.03 -13.88
N GLY B 151 -24.20 7.22 -13.95
CA GLY B 151 -24.21 8.15 -12.80
C GLY B 151 -23.61 9.47 -13.22
N ASP B 152 -23.42 10.32 -12.27
CA ASP B 152 -22.92 11.64 -12.57
C ASP B 152 -21.47 11.81 -12.13
N CYS B 153 -20.55 12.11 -13.08
CA CYS B 153 -19.09 12.19 -12.81
C CYS B 153 -18.51 13.58 -13.01
N ALA B 154 -19.46 14.52 -13.12
CA ALA B 154 -19.20 15.86 -13.74
C ALA B 154 -18.15 16.68 -12.97
N SER B 155 -18.17 16.58 -11.66
CA SER B 155 -17.14 17.30 -10.87
C SER B 155 -15.75 16.68 -11.05
N LEU B 156 -15.79 15.36 -11.08
CA LEU B 156 -14.60 14.51 -11.28
C LEU B 156 -14.02 14.85 -12.64
N MET B 157 -14.87 14.90 -13.65
CA MET B 157 -14.38 15.32 -14.95
C MET B 157 -13.78 16.70 -14.94
N ALA B 158 -14.34 17.58 -14.12
CA ALA B 158 -13.79 18.95 -14.06
C ALA B 158 -12.43 19.05 -13.36
N GLU B 159 -12.38 18.28 -12.29
CA GLU B 159 -11.17 18.04 -11.53
C GLU B 159 -10.09 17.40 -12.39
N VAL B 160 -10.42 16.42 -13.19
CA VAL B 160 -9.38 15.86 -14.11
C VAL B 160 -8.84 16.89 -15.12
N ALA B 161 -9.74 17.61 -15.73
CA ALA B 161 -9.33 18.55 -16.77
C ALA B 161 -8.43 19.58 -16.13
N SER B 162 -8.68 19.85 -14.87
CA SER B 162 -7.77 20.84 -14.34
C SER B 162 -6.32 20.40 -14.16
N TYR B 163 -6.14 19.12 -13.96
CA TYR B 163 -4.77 18.66 -13.73
C TYR B 163 -3.98 18.66 -15.05
N PHE B 164 -4.68 18.44 -16.12
CA PHE B 164 -4.03 18.55 -17.44
C PHE B 164 -3.72 20.02 -17.75
N ASP B 165 -4.71 20.86 -17.46
CA ASP B 165 -4.56 22.30 -17.67
C ASP B 165 -3.43 22.85 -16.81
N LYS B 166 -3.27 22.34 -15.64
CA LYS B 166 -2.14 22.70 -14.74
C LYS B 166 -0.80 22.25 -15.31
N ALA B 167 -0.80 21.08 -15.96
CA ALA B 167 0.41 20.59 -16.64
C ALA B 167 0.77 21.51 -17.86
N ALA B 168 -0.23 21.85 -18.70
CA ALA B 168 -0.03 22.65 -19.94
C ALA B 168 0.41 24.12 -19.69
N SER B 169 -0.12 24.67 -18.63
CA SER B 169 0.19 26.06 -18.28
C SER B 169 1.50 26.05 -17.55
N ALA B 170 1.91 24.90 -17.06
CA ALA B 170 3.27 24.91 -16.46
C ALA B 170 4.44 25.01 -17.44
N VAL B 171 4.33 24.46 -18.61
CA VAL B 171 5.56 24.25 -19.41
C VAL B 171 5.55 25.37 -20.46
N ALA B 172 4.34 25.87 -20.69
CA ALA B 172 4.09 26.89 -21.72
C ALA B 172 4.30 28.30 -21.13
N MET C 1 7.10 -11.22 -4.67
CA MET C 1 6.28 -11.01 -5.82
C MET C 1 5.31 -9.91 -5.45
N LYS C 2 5.04 -8.96 -6.30
CA LYS C 2 4.10 -7.88 -5.97
C LYS C 2 2.65 -8.36 -5.81
N THR C 3 2.19 -8.12 -4.58
CA THR C 3 0.75 -8.24 -4.22
C THR C 3 0.36 -7.04 -3.35
N PRO C 4 -0.94 -6.78 -3.10
CA PRO C 4 -1.24 -5.79 -2.09
C PRO C 4 -0.65 -6.06 -0.67
N LEU C 5 -0.58 -7.33 -0.32
CA LEU C 5 -0.06 -7.72 1.00
C LEU C 5 1.47 -7.58 1.07
N THR C 6 2.18 -8.02 0.05
CA THR C 6 3.67 -7.93 0.19
C THR C 6 4.13 -6.47 0.02
N GLU C 7 3.33 -5.69 -0.69
CA GLU C 7 3.56 -4.24 -0.87
C GLU C 7 3.36 -3.45 0.45
N ALA C 8 2.36 -3.91 1.19
CA ALA C 8 2.05 -3.41 2.52
C ALA C 8 3.21 -3.72 3.47
N VAL C 9 3.66 -4.96 3.48
CA VAL C 9 4.77 -5.30 4.40
C VAL C 9 6.10 -4.62 4.05
N ALA C 10 6.34 -4.48 2.77
CA ALA C 10 7.58 -3.86 2.34
C ALA C 10 7.59 -2.37 2.73
N ALA C 11 6.44 -1.69 2.67
CA ALA C 11 6.50 -0.25 2.98
C ALA C 11 6.78 -0.08 4.46
N ALA C 12 6.13 -0.94 5.26
CA ALA C 12 6.43 -0.96 6.69
C ALA C 12 7.88 -1.28 6.97
N ASP C 13 8.31 -2.40 6.45
CA ASP C 13 9.70 -2.87 6.63
C ASP C 13 10.72 -1.81 6.22
N SER C 14 10.37 -1.02 5.17
CA SER C 14 11.36 0.00 4.70
C SER C 14 11.57 1.13 5.71
N GLN C 15 10.54 1.38 6.45
CA GLN C 15 10.63 2.42 7.45
C GLN C 15 11.07 1.78 8.77
N GLY C 16 11.16 0.47 8.81
CA GLY C 16 11.38 -0.29 10.09
C GLY C 16 10.27 -0.21 11.15
N ARG C 17 9.06 -0.15 10.64
CA ARG C 17 7.83 0.07 11.43
C ARG C 17 7.04 -1.21 11.60
N PHE C 18 6.32 -1.31 12.68
CA PHE C 18 5.19 -2.26 12.84
C PHE C 18 4.11 -1.83 11.82
N LEU C 19 3.26 -2.80 11.41
CA LEU C 19 2.12 -2.45 10.57
C LEU C 19 1.16 -1.58 11.39
N SER C 20 0.37 -0.77 10.70
CA SER C 20 -0.61 0.20 11.18
C SER C 20 -1.95 0.01 10.47
N SER C 21 -2.89 0.90 10.84
CA SER C 21 -4.21 0.72 10.24
C SER C 21 -4.19 1.02 8.74
N THR C 22 -3.15 1.71 8.29
CA THR C 22 -2.94 1.99 6.85
C THR C 22 -2.76 0.68 6.08
N GLU C 23 -1.89 -0.17 6.61
CA GLU C 23 -1.62 -1.51 6.01
C GLU C 23 -2.84 -2.45 6.10
N ILE C 24 -3.53 -2.37 7.22
CA ILE C 24 -4.71 -3.21 7.45
C ILE C 24 -5.85 -2.79 6.53
N GLN C 25 -5.97 -1.51 6.18
CA GLN C 25 -7.02 -1.11 5.19
C GLN C 25 -6.70 -1.62 3.78
N THR C 26 -5.42 -1.81 3.45
CA THR C 26 -5.01 -2.45 2.19
C THR C 26 -5.40 -3.92 2.20
N ALA C 27 -5.19 -4.53 3.38
CA ALA C 27 -5.61 -5.93 3.46
C ALA C 27 -7.13 -6.09 3.40
N PHE C 28 -7.88 -5.16 4.00
CA PHE C 28 -9.37 -5.16 3.91
C PHE C 28 -9.87 -4.98 2.49
N GLY C 29 -9.18 -4.16 1.70
CA GLY C 29 -9.60 -3.89 0.31
C GLY C 29 -9.34 -5.14 -0.54
N ARG C 30 -8.16 -5.76 -0.37
CA ARG C 30 -7.77 -7.00 -1.07
C ARG C 30 -8.82 -8.08 -0.74
N PHE C 31 -9.14 -8.16 0.53
CA PHE C 31 -9.96 -9.28 0.94
C PHE C 31 -11.34 -9.06 0.43
N ARG C 32 -11.73 -7.84 0.41
CA ARG C 32 -13.09 -7.65 -0.14
C ARG C 32 -13.13 -8.00 -1.65
N GLN C 33 -12.09 -7.66 -2.37
CA GLN C 33 -12.05 -7.93 -3.80
C GLN C 33 -11.96 -9.42 -4.13
N ALA C 34 -11.29 -10.16 -3.27
CA ALA C 34 -10.83 -11.54 -3.53
C ALA C 34 -11.92 -12.48 -4.02
N SER C 35 -13.16 -12.07 -3.75
CA SER C 35 -14.39 -12.83 -4.20
C SER C 35 -14.75 -12.67 -5.69
N ALA C 36 -14.63 -11.45 -6.18
CA ALA C 36 -14.57 -11.18 -7.63
C ALA C 36 -13.36 -11.86 -8.29
N SER C 37 -12.15 -11.58 -7.76
CA SER C 37 -10.93 -12.05 -8.40
C SER C 37 -10.91 -13.58 -8.54
N LEU C 38 -11.17 -14.30 -7.46
CA LEU C 38 -10.94 -15.75 -7.48
C LEU C 38 -12.05 -16.45 -8.28
N ALA C 39 -13.17 -15.75 -8.52
CA ALA C 39 -14.25 -16.25 -9.40
C ALA C 39 -13.80 -16.10 -10.84
N ALA C 40 -13.28 -14.92 -11.10
CA ALA C 40 -12.72 -14.68 -12.42
C ALA C 40 -11.68 -15.75 -12.75
N ALA C 41 -10.86 -16.05 -11.73
CA ALA C 41 -9.74 -16.97 -11.94
C ALA C 41 -10.26 -18.33 -12.43
N LYS C 42 -11.14 -18.84 -11.63
CA LYS C 42 -11.60 -20.22 -11.84
C LYS C 42 -12.49 -20.32 -13.09
N ALA C 43 -13.20 -19.25 -13.41
CA ALA C 43 -13.86 -19.22 -14.72
C ALA C 43 -12.85 -19.24 -15.88
N LEU C 44 -11.80 -18.36 -15.86
CA LEU C 44 -10.83 -18.28 -17.00
C LEU C 44 -10.12 -19.62 -17.15
N THR C 45 -9.95 -20.29 -16.05
CA THR C 45 -9.20 -21.53 -16.07
C THR C 45 -10.04 -22.59 -16.81
N GLU C 46 -11.31 -22.61 -16.49
CA GLU C 46 -12.21 -23.57 -17.15
C GLU C 46 -12.23 -23.37 -18.67
N LYS C 47 -12.10 -22.16 -19.14
CA LYS C 47 -12.17 -21.90 -20.58
C LYS C 47 -10.83 -21.86 -21.28
N ALA C 48 -9.81 -21.99 -20.49
CA ALA C 48 -8.49 -21.54 -20.94
C ALA C 48 -8.06 -22.27 -22.22
N SER C 49 -8.39 -23.52 -22.35
CA SER C 49 -7.99 -24.28 -23.52
C SER C 49 -8.67 -23.77 -24.81
N SER C 50 -9.89 -23.33 -24.68
CA SER C 50 -10.50 -22.85 -25.92
C SER C 50 -10.32 -21.36 -26.15
N LEU C 51 -9.92 -20.68 -25.09
CA LEU C 51 -9.45 -19.26 -25.27
C LEU C 51 -8.11 -19.21 -26.03
N ALA C 52 -7.14 -20.00 -25.65
CA ALA C 52 -5.84 -19.94 -26.31
C ALA C 52 -5.96 -20.39 -27.79
N SER C 53 -6.74 -21.40 -28.13
CA SER C 53 -6.67 -21.69 -29.60
C SER C 53 -7.55 -20.76 -30.40
N GLY C 54 -8.63 -20.30 -29.74
CA GLY C 54 -9.48 -19.27 -30.34
C GLY C 54 -8.59 -18.06 -30.65
N ALA C 55 -7.76 -17.74 -29.66
CA ALA C 55 -6.91 -16.54 -29.74
C ALA C 55 -5.85 -16.67 -30.85
N ALA C 56 -5.27 -17.87 -30.97
CA ALA C 56 -4.31 -18.15 -32.02
C ALA C 56 -4.94 -17.98 -33.40
N ASN C 57 -6.20 -18.45 -33.47
CA ASN C 57 -6.91 -18.26 -34.70
C ASN C 57 -7.13 -16.79 -35.12
N ALA C 58 -7.55 -15.98 -34.12
CA ALA C 58 -7.79 -14.55 -34.34
C ALA C 58 -6.49 -13.87 -34.84
N VAL C 59 -5.34 -14.27 -34.32
CA VAL C 59 -4.04 -13.72 -34.82
C VAL C 59 -3.73 -14.19 -36.25
N TYR C 60 -3.97 -15.50 -36.54
CA TYR C 60 -3.74 -16.00 -37.92
C TYR C 60 -4.66 -15.28 -38.91
N SER C 61 -5.84 -14.89 -38.46
CA SER C 61 -6.73 -14.17 -39.37
C SER C 61 -6.31 -12.74 -39.59
N LYS C 62 -5.86 -12.06 -38.55
CA LYS C 62 -5.42 -10.64 -38.63
C LYS C 62 -4.08 -10.53 -39.39
N PHE C 63 -3.21 -11.49 -39.13
CA PHE C 63 -1.89 -11.59 -39.82
C PHE C 63 -1.67 -12.89 -40.61
N PRO C 64 -2.35 -13.00 -41.74
CA PRO C 64 -2.38 -14.31 -42.38
C PRO C 64 -1.04 -14.61 -43.05
N TYR C 65 -0.11 -13.69 -43.23
CA TYR C 65 1.26 -14.12 -43.63
C TYR C 65 1.99 -15.06 -42.63
N THR C 66 1.61 -14.99 -41.34
CA THR C 66 2.29 -15.76 -40.30
C THR C 66 2.04 -17.26 -40.51
N THR C 67 1.03 -17.63 -41.26
CA THR C 67 0.92 -19.06 -41.55
C THR C 67 1.42 -19.43 -42.93
N SER C 68 1.91 -18.49 -43.72
CA SER C 68 2.29 -18.84 -45.11
C SER C 68 3.77 -18.61 -45.43
N GLN C 69 4.45 -17.90 -44.53
CA GLN C 69 5.85 -17.47 -44.74
C GLN C 69 6.83 -18.49 -44.24
N ASN C 70 7.98 -18.59 -44.89
CA ASN C 70 8.97 -19.47 -44.31
C ASN C 70 9.76 -18.77 -43.20
N GLY C 71 10.05 -19.56 -42.20
CA GLY C 71 10.98 -19.21 -41.11
C GLY C 71 10.56 -19.85 -39.80
N PRO C 72 11.50 -20.09 -38.91
CA PRO C 72 11.18 -20.83 -37.68
C PRO C 72 10.34 -19.98 -36.74
N ASN C 73 10.33 -18.71 -37.01
CA ASN C 73 9.59 -17.81 -36.10
C ASN C 73 8.10 -17.77 -36.48
N PHE C 74 7.76 -18.40 -37.62
CA PHE C 74 6.38 -18.36 -38.13
C PHE C 74 5.58 -19.60 -37.76
N ALA C 75 4.27 -19.47 -37.90
CA ALA C 75 3.27 -20.54 -37.59
C ALA C 75 2.89 -21.25 -38.89
N SER C 76 3.89 -21.40 -39.75
CA SER C 76 3.69 -22.10 -41.04
C SER C 76 4.08 -23.57 -40.88
N THR C 77 4.43 -24.00 -39.70
CA THR C 77 4.65 -25.45 -39.42
C THR C 77 3.82 -25.83 -38.19
N GLN C 78 3.75 -27.14 -37.98
CA GLN C 78 2.92 -27.61 -36.87
C GLN C 78 3.59 -27.23 -35.56
N THR C 79 4.93 -27.42 -35.57
CA THR C 79 5.84 -26.90 -34.52
C THR C 79 5.56 -25.43 -34.17
N GLY C 80 5.38 -24.61 -35.16
CA GLY C 80 5.24 -23.14 -34.98
C GLY C 80 3.84 -22.82 -34.48
N LYS C 81 2.84 -23.48 -35.07
CA LYS C 81 1.48 -23.29 -34.52
C LYS C 81 1.32 -23.75 -33.05
N ASP C 82 1.92 -24.86 -32.71
CA ASP C 82 2.04 -25.40 -31.31
C ASP C 82 2.81 -24.49 -30.32
N LYS C 83 3.95 -23.95 -30.71
CA LYS C 83 4.64 -22.94 -29.87
C LYS C 83 3.76 -21.72 -29.70
N CYS C 84 3.12 -21.33 -30.77
CA CYS C 84 2.29 -20.11 -30.68
C CYS C 84 1.11 -20.29 -29.73
N VAL C 85 0.38 -21.39 -29.84
CA VAL C 85 -0.72 -21.55 -28.86
C VAL C 85 -0.21 -21.80 -27.44
N ARG C 86 0.94 -22.38 -27.36
CA ARG C 86 1.65 -22.47 -26.08
C ARG C 86 1.91 -21.08 -25.47
N ASP C 87 2.40 -20.10 -26.23
CA ASP C 87 2.76 -18.74 -25.69
C ASP C 87 1.53 -17.95 -25.26
N ILE C 88 0.48 -18.09 -26.06
CA ILE C 88 -0.78 -17.48 -25.69
C ILE C 88 -1.28 -18.03 -24.36
N GLY C 89 -1.20 -19.31 -24.19
CA GLY C 89 -1.68 -19.87 -22.94
C GLY C 89 -0.82 -19.45 -21.75
N TYR C 90 0.48 -19.18 -22.01
CA TYR C 90 1.40 -18.62 -20.98
C TYR C 90 0.84 -17.30 -20.51
N TYR C 91 0.51 -16.42 -21.46
CA TYR C 91 -0.15 -15.17 -21.09
C TYR C 91 -1.45 -15.42 -20.28
N LEU C 92 -2.27 -16.42 -20.62
CA LEU C 92 -3.60 -16.56 -19.96
C LEU C 92 -3.38 -17.17 -18.56
N ARG C 93 -2.48 -18.07 -18.49
CA ARG C 93 -2.07 -18.61 -17.21
C ARG C 93 -1.50 -17.61 -16.20
N MET C 94 -0.67 -16.66 -16.64
CA MET C 94 -0.24 -15.48 -15.78
C MET C 94 -1.39 -14.56 -15.46
N VAL C 95 -2.34 -14.38 -16.40
CA VAL C 95 -3.47 -13.53 -16.03
C VAL C 95 -4.30 -14.11 -14.86
N THR C 96 -4.47 -15.40 -14.85
CA THR C 96 -5.18 -16.09 -13.76
C THR C 96 -4.40 -15.93 -12.45
N TYR C 97 -3.09 -16.08 -12.52
CA TYR C 97 -2.29 -15.89 -11.30
C TYR C 97 -2.45 -14.48 -10.75
N CYS C 98 -2.55 -13.48 -11.64
CA CYS C 98 -2.71 -12.07 -11.18
C CYS C 98 -3.98 -11.84 -10.38
N LEU C 99 -5.06 -12.42 -10.87
CA LEU C 99 -6.31 -12.35 -10.12
C LEU C 99 -6.23 -13.10 -8.77
N VAL C 100 -5.60 -14.27 -8.73
CA VAL C 100 -5.37 -14.98 -7.47
C VAL C 100 -4.59 -14.13 -6.45
N VAL C 101 -3.58 -13.38 -6.88
CA VAL C 101 -2.76 -12.63 -5.86
C VAL C 101 -3.23 -11.18 -5.74
N GLY C 102 -4.10 -10.76 -6.69
CA GLY C 102 -4.59 -9.37 -6.71
C GLY C 102 -3.51 -8.33 -7.08
N GLY C 103 -2.64 -8.66 -8.08
CA GLY C 103 -1.60 -7.70 -8.57
C GLY C 103 -0.92 -8.23 -9.85
N THR C 104 -0.07 -7.41 -10.37
CA THR C 104 0.67 -7.71 -11.57
C THR C 104 1.92 -8.60 -11.33
N GLY C 105 2.31 -8.88 -10.06
CA GLY C 105 3.47 -9.72 -9.71
C GLY C 105 3.74 -10.88 -10.67
N PRO C 106 2.81 -11.83 -10.86
CA PRO C 106 3.24 -13.02 -11.64
C PRO C 106 3.48 -12.60 -13.08
N LEU C 107 2.88 -11.50 -13.55
CA LEU C 107 3.12 -11.08 -14.93
C LEU C 107 4.57 -10.53 -15.01
N ASP C 108 4.90 -9.64 -14.09
CA ASP C 108 6.22 -9.03 -14.04
C ASP C 108 7.25 -10.11 -13.86
N ASP C 109 7.03 -10.97 -12.91
CA ASP C 109 8.11 -11.88 -12.52
C ASP C 109 8.38 -12.90 -13.61
N TYR C 110 7.28 -13.47 -14.10
CA TYR C 110 7.40 -14.71 -14.95
C TYR C 110 7.51 -14.44 -16.45
N LEU C 111 7.00 -13.25 -16.86
CA LEU C 111 6.69 -13.03 -18.28
C LEU C 111 7.26 -11.73 -18.84
N ILE C 112 6.89 -10.60 -18.25
CA ILE C 112 7.15 -9.26 -18.79
C ILE C 112 8.62 -8.86 -18.69
N GLY C 113 9.27 -9.24 -17.60
CA GLY C 113 10.70 -8.86 -17.45
C GLY C 113 11.57 -9.69 -18.42
N GLY C 114 12.19 -9.09 -19.45
CA GLY C 114 12.97 -9.86 -20.45
C GLY C 114 12.25 -10.25 -21.75
N ILE C 115 10.96 -9.96 -21.82
CA ILE C 115 10.14 -10.19 -23.07
C ILE C 115 10.69 -9.44 -24.27
N ALA C 116 11.13 -8.22 -24.10
CA ALA C 116 11.52 -7.47 -25.26
C ALA C 116 12.74 -8.12 -25.92
N GLU C 117 13.61 -8.71 -25.09
CA GLU C 117 14.88 -9.31 -25.56
C GLU C 117 14.61 -10.60 -26.32
N ILE C 118 13.62 -11.28 -25.80
CA ILE C 118 13.14 -12.49 -26.46
C ILE C 118 12.49 -12.18 -27.84
N ASN C 119 11.61 -11.20 -27.88
CA ASN C 119 10.84 -10.94 -29.08
C ASN C 119 11.75 -10.38 -30.16
N ARG C 120 12.82 -9.74 -29.69
CA ARG C 120 13.87 -9.24 -30.65
C ARG C 120 14.62 -10.39 -31.26
N THR C 121 15.12 -11.14 -30.35
CA THR C 121 16.10 -12.19 -30.74
C THR C 121 15.41 -13.27 -31.60
N PHE C 122 14.15 -13.57 -31.29
CA PHE C 122 13.51 -14.68 -32.03
C PHE C 122 12.63 -14.16 -33.15
N ASP C 123 12.64 -12.84 -33.30
CA ASP C 123 11.83 -12.16 -34.36
C ASP C 123 10.34 -12.48 -34.26
N LEU C 124 9.81 -12.26 -33.06
CA LEU C 124 8.38 -12.43 -32.78
C LEU C 124 7.84 -11.00 -32.58
N SER C 125 6.75 -10.75 -33.26
CA SER C 125 6.21 -9.39 -33.23
C SER C 125 5.23 -9.21 -32.08
N PRO C 126 5.44 -8.13 -31.34
CA PRO C 126 4.54 -7.82 -30.23
C PRO C 126 3.09 -7.63 -30.73
N SER C 127 2.84 -7.08 -31.95
CA SER C 127 1.42 -6.88 -32.47
C SER C 127 0.70 -8.21 -32.47
N TRP C 128 1.43 -9.30 -32.72
CA TRP C 128 0.75 -10.63 -32.77
C TRP C 128 0.08 -10.94 -31.40
N TYR C 129 0.89 -10.76 -30.39
CA TYR C 129 0.43 -10.97 -29.01
C TYR C 129 -0.67 -9.96 -28.62
N VAL C 130 -0.61 -8.71 -29.09
CA VAL C 130 -1.58 -7.72 -28.67
C VAL C 130 -2.96 -8.03 -29.25
N GLU C 131 -2.92 -8.59 -30.44
CA GLU C 131 -4.22 -9.08 -31.03
C GLU C 131 -4.76 -10.30 -30.27
N ALA C 132 -3.92 -11.25 -29.95
CA ALA C 132 -4.42 -12.40 -29.14
C ALA C 132 -5.01 -11.94 -27.79
N LEU C 133 -4.35 -10.92 -27.17
CA LEU C 133 -4.83 -10.41 -25.87
C LEU C 133 -6.19 -9.71 -26.07
N LYS C 134 -6.35 -8.98 -27.21
CA LYS C 134 -7.65 -8.37 -27.62
C LYS C 134 -8.80 -9.35 -27.80
N TYR C 135 -8.45 -10.46 -28.36
CA TYR C 135 -9.38 -11.60 -28.44
C TYR C 135 -9.88 -12.02 -27.05
N ILE C 136 -8.91 -12.29 -26.18
CA ILE C 136 -9.23 -12.88 -24.91
C ILE C 136 -10.13 -11.93 -24.09
N LYS C 137 -9.86 -10.61 -24.27
CA LYS C 137 -10.62 -9.62 -23.56
C LYS C 137 -12.10 -9.65 -24.00
N ALA C 138 -12.29 -9.76 -25.29
CA ALA C 138 -13.65 -9.67 -25.87
C ALA C 138 -14.40 -10.99 -25.71
N ASN C 139 -13.72 -12.11 -25.48
CA ASN C 139 -14.37 -13.45 -25.38
C ASN C 139 -14.32 -14.18 -24.00
N HIS C 140 -13.83 -13.56 -22.91
CA HIS C 140 -13.65 -14.31 -21.66
C HIS C 140 -15.00 -14.50 -20.92
N GLY C 141 -15.92 -13.64 -21.32
CA GLY C 141 -17.33 -13.65 -20.93
C GLY C 141 -17.59 -13.27 -19.46
N LEU C 142 -16.60 -12.69 -18.80
CA LEU C 142 -16.74 -12.24 -17.41
C LEU C 142 -17.60 -10.99 -17.44
N SER C 143 -18.16 -10.75 -16.32
CA SER C 143 -18.98 -9.54 -16.16
C SER C 143 -18.62 -8.90 -14.82
N GLY C 144 -18.84 -7.60 -14.66
CA GLY C 144 -18.72 -7.03 -13.30
C GLY C 144 -17.29 -6.63 -12.88
N ASP C 145 -17.07 -6.48 -11.55
CA ASP C 145 -15.75 -6.32 -10.97
C ASP C 145 -14.81 -7.41 -11.48
N PRO C 146 -15.27 -8.64 -11.62
CA PRO C 146 -14.36 -9.65 -12.17
C PRO C 146 -13.84 -9.26 -13.56
N ALA C 147 -14.72 -8.83 -14.38
CA ALA C 147 -14.27 -8.44 -15.71
C ALA C 147 -13.39 -7.17 -15.66
N VAL C 148 -13.69 -6.27 -14.73
CA VAL C 148 -12.90 -4.99 -14.74
C VAL C 148 -11.46 -5.19 -14.26
N GLU C 149 -11.34 -6.11 -13.27
CA GLU C 149 -10.02 -6.51 -12.75
C GLU C 149 -9.24 -7.41 -13.71
N ALA C 150 -9.88 -8.41 -14.26
CA ALA C 150 -9.21 -9.22 -15.34
C ALA C 150 -8.73 -8.40 -16.56
N ASN C 151 -9.52 -7.47 -16.99
CA ASN C 151 -9.17 -6.61 -18.11
C ASN C 151 -7.99 -5.70 -17.77
N SER C 152 -7.91 -5.33 -16.49
CA SER C 152 -6.80 -4.39 -16.15
C SER C 152 -5.45 -5.09 -16.29
N TYR C 153 -5.48 -6.41 -16.04
CA TYR C 153 -4.20 -7.19 -16.20
C TYR C 153 -3.88 -7.47 -17.69
N ILE C 154 -4.92 -7.80 -18.45
CA ILE C 154 -4.72 -7.93 -19.91
C ILE C 154 -4.13 -6.63 -20.45
N ASP C 155 -4.76 -5.50 -20.02
CA ASP C 155 -4.36 -4.17 -20.55
C ASP C 155 -2.93 -3.77 -20.14
N TYR C 156 -2.51 -4.20 -18.94
CA TYR C 156 -1.12 -4.01 -18.44
C TYR C 156 -0.10 -4.77 -19.32
N ALA C 157 -0.44 -6.01 -19.75
CA ALA C 157 0.30 -6.82 -20.77
C ALA C 157 0.32 -6.16 -22.16
N ILE C 158 -0.82 -5.67 -22.65
CA ILE C 158 -0.82 -4.88 -23.86
C ILE C 158 0.06 -3.65 -23.78
N ASN C 159 -0.02 -2.87 -22.69
CA ASN C 159 0.79 -1.67 -22.61
C ASN C 159 2.27 -2.02 -22.51
N ALA C 160 2.58 -3.20 -21.94
CA ALA C 160 4.04 -3.55 -21.84
C ALA C 160 4.58 -3.79 -23.23
N LEU C 161 3.67 -4.10 -24.14
CA LEU C 161 4.06 -4.48 -25.49
C LEU C 161 4.03 -3.29 -26.47
N SER C 162 3.54 -2.13 -25.99
CA SER C 162 3.18 -1.02 -26.92
C SER C 162 3.84 0.30 -26.55
N MET D 1 9.66 -11.71 -1.32
CA MET D 1 8.79 -12.24 -0.27
C MET D 1 7.44 -12.67 -0.89
N LEU D 2 6.88 -13.71 -0.30
CA LEU D 2 5.55 -14.17 -0.75
C LEU D 2 4.53 -13.94 0.35
N ASP D 3 3.32 -13.98 -0.04
CA ASP D 3 2.20 -14.14 0.89
C ASP D 3 1.54 -15.50 0.63
N ALA D 4 0.50 -15.80 1.40
CA ALA D 4 -0.14 -17.11 1.29
C ALA D 4 -0.62 -17.34 -0.18
N PHE D 5 -1.05 -16.31 -0.87
CA PHE D 5 -1.56 -16.47 -2.24
C PHE D 5 -0.41 -16.74 -3.23
N ALA D 6 0.63 -15.92 -3.08
CA ALA D 6 1.83 -15.94 -3.95
C ALA D 6 2.55 -17.28 -3.85
N LYS D 7 2.51 -17.82 -2.64
CA LYS D 7 3.17 -19.07 -2.36
C LYS D 7 2.54 -20.21 -3.19
N VAL D 8 1.22 -20.22 -3.26
CA VAL D 8 0.60 -21.26 -4.12
C VAL D 8 0.88 -21.07 -5.63
N VAL D 9 0.83 -19.83 -6.09
CA VAL D 9 1.09 -19.45 -7.49
C VAL D 9 2.51 -19.84 -7.91
N SER D 10 3.46 -19.59 -7.03
CA SER D 10 4.82 -19.93 -7.42
C SER D 10 5.09 -21.46 -7.49
N GLN D 11 4.40 -22.23 -6.70
CA GLN D 11 4.52 -23.70 -6.78
C GLN D 11 3.90 -24.28 -8.07
N ALA D 12 2.74 -23.71 -8.43
CA ALA D 12 1.95 -24.11 -9.61
C ALA D 12 2.78 -23.76 -10.87
N ASP D 13 3.33 -22.54 -10.82
CA ASP D 13 4.02 -22.08 -12.06
C ASP D 13 5.21 -22.99 -12.38
N ALA D 14 5.90 -23.40 -11.30
CA ALA D 14 6.95 -24.36 -11.51
C ALA D 14 6.46 -25.66 -12.16
N ARG D 15 5.21 -26.06 -12.02
CA ARG D 15 4.71 -27.29 -12.62
C ARG D 15 4.05 -26.96 -13.96
N GLY D 16 4.03 -25.66 -14.28
CA GLY D 16 3.31 -25.18 -15.45
C GLY D 16 1.79 -25.35 -15.32
N GLU D 17 1.30 -25.36 -14.09
CA GLU D 17 -0.13 -25.60 -13.93
C GLU D 17 -0.95 -24.35 -13.61
N TYR D 18 -2.23 -24.50 -13.95
CA TYR D 18 -3.29 -23.71 -13.30
C TYR D 18 -3.60 -24.25 -11.88
N LEU D 19 -4.02 -23.38 -10.99
CA LEU D 19 -4.51 -23.75 -9.67
C LEU D 19 -5.81 -24.52 -9.92
N SER D 20 -5.95 -25.62 -9.19
CA SER D 20 -7.21 -26.38 -9.20
C SER D 20 -8.21 -25.72 -8.28
N GLY D 21 -9.40 -26.22 -8.47
CA GLY D 21 -10.56 -25.64 -7.81
C GLY D 21 -10.38 -25.84 -6.32
N SER D 22 -9.77 -26.93 -5.95
CA SER D 22 -9.55 -27.12 -4.51
C SER D 22 -8.54 -26.14 -3.90
N GLN D 23 -7.62 -25.73 -4.74
CA GLN D 23 -6.59 -24.82 -4.26
C GLN D 23 -7.23 -23.48 -4.10
N ILE D 24 -8.14 -23.21 -5.03
CA ILE D 24 -8.80 -21.90 -5.02
C ILE D 24 -9.65 -21.83 -3.76
N ASP D 25 -10.36 -22.93 -3.53
CA ASP D 25 -11.35 -22.90 -2.46
C ASP D 25 -10.65 -22.83 -1.10
N ALA D 26 -9.45 -23.32 -1.11
CA ALA D 26 -8.68 -23.16 0.11
C ALA D 26 -8.23 -21.70 0.31
N LEU D 27 -7.97 -20.98 -0.76
CA LEU D 27 -7.55 -19.59 -0.50
C LEU D 27 -8.78 -18.77 -0.06
N SER D 28 -9.92 -19.21 -0.55
CA SER D 28 -11.21 -18.55 -0.20
C SER D 28 -11.47 -18.54 1.32
N ALA D 29 -11.15 -19.64 1.90
CA ALA D 29 -11.38 -19.96 3.31
C ALA D 29 -10.51 -19.04 4.18
N LEU D 30 -9.33 -18.87 3.64
CA LEU D 30 -8.34 -17.96 4.21
C LEU D 30 -8.85 -16.52 4.14
N VAL D 31 -9.45 -16.14 3.03
CA VAL D 31 -9.93 -14.75 2.98
C VAL D 31 -11.12 -14.55 3.93
N ALA D 32 -11.84 -15.64 4.18
CA ALA D 32 -13.04 -15.53 5.04
C ALA D 32 -12.70 -15.30 6.51
N ASP D 33 -11.48 -15.65 6.81
CA ASP D 33 -10.95 -15.41 8.17
C ASP D 33 -10.13 -14.12 8.23
N GLY D 34 -10.17 -13.36 7.14
CA GLY D 34 -9.43 -12.06 7.02
C GLY D 34 -9.50 -11.08 8.19
N ASN D 35 -10.73 -10.81 8.66
CA ASN D 35 -10.92 -9.82 9.77
C ASN D 35 -10.22 -10.32 11.03
N LYS D 36 -10.35 -11.64 11.30
CA LYS D 36 -9.82 -12.26 12.52
C LYS D 36 -8.30 -12.13 12.47
N ARG D 37 -7.78 -12.38 11.27
CA ARG D 37 -6.30 -12.22 11.17
C ARG D 37 -5.87 -10.78 11.45
N MET D 38 -6.68 -9.83 11.01
CA MET D 38 -6.31 -8.42 11.17
C MET D 38 -6.38 -8.03 12.66
N ASP D 39 -7.35 -8.62 13.33
CA ASP D 39 -7.43 -8.33 14.78
C ASP D 39 -6.21 -8.87 15.47
N VAL D 40 -5.72 -10.01 15.03
CA VAL D 40 -4.51 -10.54 15.72
C VAL D 40 -3.29 -9.67 15.49
N VAL D 41 -3.18 -9.22 14.26
CA VAL D 41 -2.08 -8.25 13.96
C VAL D 41 -2.23 -6.97 14.79
N ASN D 42 -3.49 -6.50 14.86
CA ASN D 42 -3.77 -5.20 15.50
C ASN D 42 -3.41 -5.31 16.98
N ARG D 43 -3.89 -6.39 17.57
CA ARG D 43 -3.76 -6.51 19.04
C ARG D 43 -2.31 -6.70 19.48
N ILE D 44 -1.57 -7.46 18.73
CA ILE D 44 -0.15 -7.63 19.14
C ILE D 44 0.61 -6.32 18.95
N THR D 45 0.29 -5.62 17.91
CA THR D 45 1.05 -4.41 17.58
C THR D 45 0.75 -3.33 18.60
N GLY D 46 -0.53 -3.26 18.94
CA GLY D 46 -0.96 -2.23 19.91
C GLY D 46 -0.30 -2.42 21.31
N ASN D 47 0.17 -3.64 21.56
CA ASN D 47 0.78 -3.94 22.86
C ASN D 47 2.28 -4.22 22.78
N SER D 48 2.86 -3.85 21.67
CA SER D 48 4.18 -4.44 21.33
C SER D 48 5.24 -4.01 22.35
N SER D 49 5.15 -2.76 22.82
CA SER D 49 6.14 -2.30 23.85
C SER D 49 6.12 -3.06 25.17
N THR D 50 4.92 -3.30 25.67
CA THR D 50 4.75 -4.06 26.94
C THR D 50 5.20 -5.51 26.77
N ILE D 51 4.86 -6.12 25.59
CA ILE D 51 5.22 -7.53 25.35
C ILE D 51 6.76 -7.67 25.44
N VAL D 52 7.44 -6.68 24.85
CA VAL D 52 8.88 -6.73 24.82
C VAL D 52 9.39 -6.57 26.26
N ALA D 53 8.86 -5.55 26.91
CA ALA D 53 9.46 -5.15 28.19
C ALA D 53 9.27 -6.24 29.24
N ASN D 54 8.06 -6.80 29.25
CA ASN D 54 7.69 -7.79 30.24
C ASN D 54 8.45 -9.05 29.94
N ALA D 55 8.64 -9.32 28.66
CA ALA D 55 9.37 -10.54 28.35
C ALA D 55 10.86 -10.41 28.74
N ALA D 56 11.45 -9.28 28.48
CA ALA D 56 12.84 -9.00 28.89
C ALA D 56 13.01 -9.03 30.43
N ARG D 57 12.08 -8.43 31.16
CA ARG D 57 12.10 -8.45 32.64
C ARG D 57 12.11 -9.87 33.23
N SER D 58 11.26 -10.67 32.66
CA SER D 58 11.10 -12.05 33.10
C SER D 58 12.27 -12.96 32.66
N LEU D 59 12.88 -12.68 31.53
CA LEU D 59 14.13 -13.34 31.15
C LEU D 59 15.27 -13.01 32.11
N PHE D 60 15.46 -11.74 32.45
CA PHE D 60 16.63 -11.33 33.25
C PHE D 60 16.43 -11.75 34.69
N ALA D 61 15.18 -11.83 35.13
CA ALA D 61 14.89 -12.33 36.45
C ALA D 61 15.26 -13.81 36.50
N GLU D 62 15.04 -14.53 35.38
CA GLU D 62 15.34 -15.94 35.41
C GLU D 62 16.81 -16.26 35.18
N GLN D 63 17.45 -15.43 34.41
CA GLN D 63 18.88 -15.61 34.04
C GLN D 63 19.71 -14.38 34.34
N PRO D 64 19.87 -14.21 35.64
CA PRO D 64 20.68 -13.08 36.23
C PRO D 64 22.11 -12.99 35.70
N GLN D 65 22.63 -14.09 35.26
CA GLN D 65 23.94 -14.23 34.59
C GLN D 65 24.07 -13.30 33.38
N LEU D 66 22.94 -13.00 32.71
CA LEU D 66 23.03 -12.18 31.46
C LEU D 66 23.32 -10.70 31.75
N ILE D 67 22.83 -10.25 32.92
CA ILE D 67 23.00 -8.84 33.27
C ILE D 67 24.03 -8.54 34.38
N ALA D 68 24.71 -9.54 34.88
CA ALA D 68 25.89 -9.32 35.79
C ALA D 68 27.11 -8.85 35.01
N PRO D 69 28.05 -8.14 35.67
CA PRO D 69 29.22 -7.55 34.94
C PRO D 69 30.00 -8.64 34.22
N GLY D 70 30.19 -8.43 32.94
CA GLY D 70 30.71 -9.50 32.06
C GLY D 70 29.66 -10.20 31.19
N GLY D 71 28.38 -10.12 31.63
CA GLY D 71 27.23 -10.81 30.96
C GLY D 71 27.02 -10.31 29.53
N MEN D 72 26.33 -11.07 28.71
CA MEN D 72 26.14 -10.59 27.32
C MEN D 72 25.16 -9.41 27.18
O MEN D 72 25.29 -8.63 26.25
CB MEN D 72 26.06 -11.71 26.24
CG MEN D 72 26.25 -11.23 24.80
OD1 MEN D 72 25.24 -11.16 24.09
ND2 MEN D 72 27.48 -10.92 24.36
CE2 MEN D 72 27.93 -10.46 23.04
N ALA D 73 24.36 -9.13 28.22
CA ALA D 73 23.41 -8.02 28.16
C ALA D 73 23.80 -6.97 29.22
N TYR D 74 25.04 -7.03 29.68
CA TYR D 74 25.67 -6.01 30.58
C TYR D 74 26.38 -4.91 29.78
N THR D 75 26.18 -3.68 30.23
CA THR D 75 26.44 -2.36 29.64
C THR D 75 25.24 -1.85 28.84
N SER D 76 25.09 -0.55 28.84
CA SER D 76 23.91 0.03 28.16
C SER D 76 23.79 -0.40 26.71
N ARG D 77 24.89 -0.32 25.96
CA ARG D 77 24.84 -0.66 24.57
C ARG D 77 24.52 -2.15 24.34
N ARG D 78 24.98 -3.07 25.16
CA ARG D 78 24.46 -4.43 24.95
C ARG D 78 23.00 -4.62 25.34
N MET D 79 22.59 -4.13 26.49
CA MET D 79 21.19 -4.13 26.90
C MET D 79 20.27 -3.53 25.80
N ALA D 80 20.65 -2.37 25.26
CA ALA D 80 19.88 -1.72 24.19
C ALA D 80 19.82 -2.62 22.94
N ALA D 81 20.92 -3.18 22.52
CA ALA D 81 20.90 -4.17 21.40
C ALA D 81 20.04 -5.44 21.63
N CYS D 82 20.06 -6.02 22.84
CA CYS D 82 19.22 -7.16 23.18
C CYS D 82 17.70 -6.83 23.02
N LEU D 83 17.29 -5.70 23.59
CA LEU D 83 15.89 -5.27 23.55
C LEU D 83 15.43 -5.04 22.09
N ARG D 84 16.36 -4.52 21.35
CA ARG D 84 16.17 -4.16 19.94
C ARG D 84 15.92 -5.43 19.16
N ASP D 85 16.64 -6.47 19.57
CA ASP D 85 16.50 -7.79 18.89
C ASP D 85 15.16 -8.48 19.19
N MET D 86 14.70 -8.38 20.42
CA MET D 86 13.34 -8.84 20.75
C MET D 86 12.22 -8.06 20.05
N GLU D 87 12.40 -6.76 19.82
CA GLU D 87 11.41 -5.99 19.02
C GLU D 87 11.38 -6.33 17.52
N ILE D 88 12.59 -6.58 16.99
CA ILE D 88 12.73 -6.84 15.55
C ILE D 88 12.03 -8.19 15.30
N ILE D 89 12.25 -9.18 16.20
CA ILE D 89 11.68 -10.57 16.10
C ILE D 89 10.15 -10.52 16.21
N LEU D 90 9.65 -9.81 17.18
CA LEU D 90 8.18 -9.62 17.26
C LEU D 90 7.60 -8.90 16.01
N ARG D 91 8.40 -8.00 15.46
CA ARG D 91 7.98 -7.24 14.27
C ARG D 91 7.86 -8.16 13.04
N TYR D 92 8.88 -8.96 12.76
CA TYR D 92 8.80 -9.86 11.59
C TYR D 92 7.78 -10.94 11.87
N VAL D 93 7.54 -11.27 13.10
CA VAL D 93 6.53 -12.27 13.32
C VAL D 93 5.13 -11.71 12.96
N THR D 94 4.85 -10.45 13.28
CA THR D 94 3.54 -9.85 12.90
C THR D 94 3.38 -9.69 11.38
N TYR D 95 4.49 -9.51 10.69
CA TYR D 95 4.52 -9.46 9.20
C TYR D 95 4.10 -10.80 8.61
N ALA D 96 4.55 -11.91 9.21
CA ALA D 96 4.17 -13.24 8.73
C ALA D 96 2.70 -13.50 8.95
N ILE D 97 2.24 -13.09 10.13
CA ILE D 97 0.83 -13.24 10.51
C ILE D 97 -0.06 -12.51 9.49
N PHE D 98 0.32 -11.32 9.18
CA PHE D 98 -0.47 -10.54 8.21
C PHE D 98 -0.45 -11.15 6.79
N ALA D 99 0.75 -11.53 6.29
CA ALA D 99 0.89 -12.11 4.89
C ALA D 99 0.37 -13.57 4.78
N GLY D 100 0.26 -14.27 5.94
CA GLY D 100 -0.13 -15.70 6.09
C GLY D 100 0.92 -16.60 5.45
N ASP D 101 2.19 -16.14 5.50
CA ASP D 101 3.32 -16.97 5.03
C ASP D 101 4.60 -16.66 5.82
N ALA D 102 5.44 -17.66 6.01
CA ALA D 102 6.64 -17.46 6.82
C ALA D 102 7.84 -16.86 6.06
N SER D 103 7.74 -16.75 4.77
CA SER D 103 8.93 -16.35 4.02
C SER D 103 9.56 -15.04 4.50
N VAL D 104 8.83 -14.01 4.79
CA VAL D 104 9.49 -12.71 5.15
C VAL D 104 10.26 -12.82 6.47
N LEU D 105 9.77 -13.70 7.30
CA LEU D 105 10.44 -13.97 8.58
C LEU D 105 11.72 -14.77 8.37
N ASP D 106 11.65 -15.74 7.50
CA ASP D 106 12.88 -16.51 7.30
C ASP D 106 13.93 -15.66 6.55
N ASP D 107 13.44 -15.12 5.44
CA ASP D 107 14.31 -14.45 4.48
C ASP D 107 15.05 -13.35 5.21
N ARG D 108 14.19 -12.53 5.83
CA ARG D 108 14.57 -11.20 6.31
C ARG D 108 15.10 -11.21 7.75
N CYS D 109 14.72 -12.18 8.52
CA CYS D 109 14.97 -12.04 9.96
C CYS D 109 15.77 -13.22 10.48
N LEU D 110 15.22 -14.43 10.27
CA LEU D 110 15.77 -15.69 10.86
C LEU D 110 17.04 -16.08 10.11
N ASN D 111 17.14 -15.70 8.82
CA ASN D 111 18.22 -16.20 7.98
C ASN D 111 19.62 -15.97 8.52
N GLY D 112 19.92 -14.79 8.97
CA GLY D 112 21.31 -14.63 9.53
C GLY D 112 21.66 -15.38 10.83
N LEU D 113 20.61 -15.55 11.60
CA LEU D 113 20.72 -15.14 13.00
C LEU D 113 21.56 -16.09 13.84
N LYS D 114 21.24 -17.39 13.75
CA LYS D 114 21.94 -18.42 14.57
C LYS D 114 23.46 -18.19 14.54
N GLU D 115 23.97 -17.91 13.33
CA GLU D 115 25.42 -17.79 13.06
C GLU D 115 25.97 -16.53 13.64
N THR D 116 25.18 -15.48 13.58
CA THR D 116 25.57 -14.18 14.17
C THR D 116 25.79 -14.34 15.66
N TYR D 117 24.83 -14.97 16.31
CA TYR D 117 24.91 -14.94 17.77
C TYR D 117 26.14 -15.75 18.15
N LEU D 118 26.32 -16.80 17.35
CA LEU D 118 27.29 -17.83 17.65
C LEU D 118 28.64 -17.16 17.53
N ALA D 119 28.67 -16.23 16.63
CA ALA D 119 29.90 -15.49 16.36
C ALA D 119 30.15 -14.40 17.40
N LEU D 120 29.04 -13.96 17.94
CA LEU D 120 29.02 -12.85 18.88
C LEU D 120 29.46 -13.35 20.26
N GLY D 121 29.01 -14.54 20.52
CA GLY D 121 29.06 -15.07 21.88
C GLY D 121 27.76 -14.74 22.64
N THR D 122 26.77 -14.25 21.87
CA THR D 122 25.39 -14.13 22.46
C THR D 122 24.67 -15.49 22.56
N PRO D 123 24.17 -15.89 23.72
CA PRO D 123 23.57 -17.26 23.86
C PRO D 123 22.12 -17.44 23.32
N GLY D 124 22.00 -18.28 22.25
CA GLY D 124 20.82 -18.48 21.38
C GLY D 124 19.67 -19.14 22.18
N SER D 125 20.09 -19.95 23.09
CA SER D 125 19.16 -20.61 24.00
C SER D 125 18.43 -19.60 24.90
N SER D 126 19.13 -18.52 25.29
CA SER D 126 18.49 -17.49 26.13
C SER D 126 17.63 -16.56 25.30
N VAL D 127 18.03 -16.35 24.06
CA VAL D 127 17.14 -15.57 23.12
C VAL D 127 15.80 -16.27 22.84
N ALA D 128 15.87 -17.63 22.71
CA ALA D 128 14.76 -18.58 22.53
C ALA D 128 13.78 -18.54 23.72
N VAL D 129 14.29 -18.38 24.90
CA VAL D 129 13.44 -18.14 26.08
C VAL D 129 12.71 -16.81 26.00
N GLY D 130 13.41 -15.76 25.53
CA GLY D 130 12.79 -14.45 25.31
C GLY D 130 11.61 -14.61 24.33
N VAL D 131 11.92 -15.31 23.24
CA VAL D 131 10.97 -15.38 22.15
C VAL D 131 9.77 -16.23 22.61
N GLN D 132 10.07 -17.23 23.42
CA GLN D 132 8.96 -18.02 23.90
C GLN D 132 8.16 -17.29 24.96
N LYS D 133 8.79 -16.38 25.71
CA LYS D 133 7.95 -15.48 26.60
C LYS D 133 7.04 -14.47 25.86
N MET D 134 7.56 -13.84 24.84
CA MET D 134 6.72 -12.99 23.94
C MET D 134 5.57 -13.77 23.33
N LYS D 135 5.80 -15.04 23.03
CA LYS D 135 4.77 -15.83 22.38
C LYS D 135 3.62 -16.07 23.36
N ASP D 136 3.91 -16.50 24.61
CA ASP D 136 2.76 -16.67 25.57
C ASP D 136 1.96 -15.39 25.74
N ALA D 137 2.69 -14.29 25.76
CA ALA D 137 2.06 -12.97 25.99
C ALA D 137 1.18 -12.52 24.82
N ALA D 138 1.74 -12.69 23.64
CA ALA D 138 1.01 -12.30 22.44
C ALA D 138 -0.28 -13.13 22.33
N LEU D 139 -0.18 -14.48 22.54
CA LEU D 139 -1.37 -15.33 22.34
C LEU D 139 -2.42 -15.06 23.40
N ALA D 140 -2.00 -14.64 24.57
CA ALA D 140 -2.99 -14.15 25.58
C ALA D 140 -3.65 -12.82 25.22
N ILE D 141 -2.92 -11.88 24.65
CA ILE D 141 -3.57 -10.63 24.16
C ILE D 141 -4.49 -10.85 22.92
N ALA D 142 -4.00 -11.63 21.96
CA ALA D 142 -4.69 -11.97 20.68
C ALA D 142 -6.01 -12.70 20.93
N GLY D 143 -5.99 -13.51 21.96
CA GLY D 143 -7.12 -14.38 22.28
C GLY D 143 -8.11 -13.78 23.28
N ASP D 144 -7.81 -12.63 23.82
CA ASP D 144 -8.70 -12.08 24.82
C ASP D 144 -10.07 -11.67 24.29
N THR D 145 -10.98 -11.90 25.18
CA THR D 145 -12.33 -11.97 24.65
C THR D 145 -13.15 -10.73 24.88
N ASN D 146 -12.55 -9.77 25.48
CA ASN D 146 -13.40 -8.58 25.65
C ASN D 146 -13.18 -7.64 24.49
N GLY D 147 -14.20 -6.81 24.27
CA GLY D 147 -14.17 -5.81 23.20
C GLY D 147 -13.82 -6.34 21.80
N ILE D 148 -14.24 -7.57 21.49
CA ILE D 148 -14.25 -8.17 20.13
C ILE D 148 -15.53 -9.01 19.94
N THR D 149 -15.95 -9.19 18.71
CA THR D 149 -17.14 -10.01 18.46
C THR D 149 -16.74 -11.48 18.46
N ARG D 150 -17.41 -12.27 19.30
CA ARG D 150 -16.89 -13.60 19.75
C ARG D 150 -17.08 -14.62 18.66
N GLY D 151 -16.18 -15.55 18.60
CA GLY D 151 -16.18 -16.55 17.51
C GLY D 151 -14.90 -17.34 17.60
N ASP D 152 -14.74 -18.21 16.65
CA ASP D 152 -13.64 -19.17 16.65
C ASP D 152 -12.40 -18.70 15.88
N CYS D 153 -11.35 -18.55 16.60
CA CYS D 153 -10.06 -18.19 15.97
C CYS D 153 -8.98 -19.22 16.25
N ALA D 154 -9.45 -20.39 16.67
CA ALA D 154 -8.56 -21.49 17.05
C ALA D 154 -7.45 -21.74 16.01
N SER D 155 -7.85 -21.90 14.80
CA SER D 155 -6.91 -22.22 13.74
C SER D 155 -5.85 -21.12 13.51
N LEU D 156 -6.26 -19.89 13.58
CA LEU D 156 -5.34 -18.78 13.30
C LEU D 156 -4.30 -18.84 14.41
N MET D 157 -4.85 -19.10 15.54
CA MET D 157 -4.03 -19.03 16.74
C MET D 157 -2.99 -20.14 16.81
N ALA D 158 -3.32 -21.22 16.14
CA ALA D 158 -2.31 -22.28 15.86
C ALA D 158 -1.18 -21.85 14.88
N GLU D 159 -1.54 -21.17 13.81
CA GLU D 159 -0.55 -20.64 12.87
C GLU D 159 0.33 -19.58 13.59
N VAL D 160 -0.28 -18.76 14.43
CA VAL D 160 0.54 -17.70 15.09
C VAL D 160 1.61 -18.33 16.02
N ALA D 161 1.15 -19.32 16.82
CA ALA D 161 2.11 -20.00 17.69
C ALA D 161 3.24 -20.55 16.82
N SER D 162 2.85 -21.00 15.65
CA SER D 162 3.83 -21.62 14.78
C SER D 162 4.98 -20.72 14.39
N TYR D 163 4.64 -19.46 14.04
CA TYR D 163 5.66 -18.45 13.66
C TYR D 163 6.60 -18.10 14.82
N PHE D 164 6.03 -18.07 16.04
CA PHE D 164 6.95 -17.90 17.18
C PHE D 164 7.88 -19.11 17.37
N ASP D 165 7.38 -20.31 17.15
CA ASP D 165 8.17 -21.50 17.43
C ASP D 165 9.34 -21.61 16.45
N LYS D 166 9.00 -21.19 15.23
CA LYS D 166 9.98 -21.11 14.13
C LYS D 166 11.14 -20.20 14.47
N ALA D 167 10.76 -19.04 14.97
CA ALA D 167 11.75 -18.05 15.36
C ALA D 167 12.65 -18.63 16.46
N ALA D 168 12.08 -19.22 17.51
CA ALA D 168 12.82 -19.78 18.69
C ALA D 168 13.82 -20.89 18.30
N SER D 169 13.25 -21.82 17.49
CA SER D 169 13.96 -23.01 16.99
C SER D 169 15.16 -22.56 16.13
N ALA D 170 15.03 -21.41 15.43
CA ALA D 170 16.12 -20.92 14.52
C ALA D 170 17.39 -20.46 15.23
N VAL D 171 17.23 -20.12 16.48
CA VAL D 171 18.32 -19.33 17.08
C VAL D 171 19.00 -20.17 18.17
N ALA D 172 18.24 -21.21 18.60
CA ALA D 172 18.47 -22.18 19.71
C ALA D 172 19.23 -23.42 19.19
CHA CYC E . 5.80 22.31 27.94
NA CYC E . 5.01 20.93 25.99
C1A CYC E . 5.92 21.80 26.63
C2A CYC E . 6.81 22.32 25.66
C3A CYC E . 6.50 21.67 24.42
C4A CYC E . 5.36 20.84 24.66
CMA CYC E . 7.28 21.77 23.15
CAA CYC E . 7.88 23.29 25.94
CBA CYC E . 7.64 24.62 25.18
CGA CYC E . 6.34 25.27 25.67
O1A CYC E . 5.32 25.32 24.91
O2A CYC E . 6.36 25.75 26.82
CHB CYC E . 4.81 19.89 23.78
NB CYC E . 4.49 21.23 21.73
C1B CYC E . 4.34 20.07 22.47
C2B CYC E . 3.64 19.07 21.71
C3B CYC E . 3.65 19.52 20.37
C4B CYC E . 4.18 20.91 20.45
CMB CYC E . 3.14 17.76 22.24
CAB CYC E . 3.16 18.78 19.15
CBB CYC E . 2.16 19.60 18.31
OB CYC E . 4.26 21.72 19.54
NC CYC E . 3.47 19.10 33.25
C1C CYC E . 2.95 18.39 34.24
C2C CYC E . 1.70 17.63 33.79
C3C CYC E . 2.00 17.55 32.26
C4C CYC E . 2.83 18.80 32.02
CMC CYC E . 1.45 16.26 34.49
CAC CYC E . 0.68 17.35 31.38
CBC CYC E . 0.39 15.85 31.08
OC CYC E . 3.44 18.35 35.37
CHD CYC E . 2.82 19.73 30.96
ND CYC E . 4.23 20.75 29.20
C1D CYC E . 3.77 20.70 30.53
C2D CYC E . 4.37 21.81 31.23
C3D CYC E . 5.24 22.47 30.32
C4D CYC E . 5.12 21.83 29.07
CMD CYC E . 4.16 22.28 32.62
CAD CYC E . 6.09 23.68 30.55
CBD CYC E . 7.54 23.24 30.74
CGD CYC E . 8.52 24.38 31.01
O1D CYC E . 9.61 24.09 31.56
O2D CYC E . 8.16 25.55 30.70
CHA CYC F . 14.49 16.27 -22.35
NA CYC F . 12.74 16.23 -20.53
C1A CYC F . 14.04 16.31 -21.01
C2A CYC F . 14.91 16.30 -19.91
C3A CYC F . 14.14 16.31 -18.75
C4A CYC F . 12.81 16.11 -19.15
CMA CYC F . 14.70 16.46 -17.38
CAA CYC F . 16.39 16.38 -19.93
CBA CYC F . 17.04 14.99 -19.77
CGA CYC F . 17.01 14.20 -21.10
O1A CYC F . 16.89 12.97 -21.01
O2A CYC F . 17.13 14.77 -22.23
CHB CYC F . 11.69 16.14 -18.32
NB CYC F . 12.37 14.36 -16.78
C1B CYC F . 11.52 15.39 -17.16
C2B CYC F . 10.36 15.38 -16.34
C3B CYC F . 10.59 14.46 -15.26
C4B CYC F . 11.89 13.81 -15.64
CMB CYC F . 9.11 16.13 -16.62
CAB CYC F . 9.61 14.07 -14.20
CBB CYC F . 10.24 13.37 -12.96
OB CYC F . 12.46 12.86 -15.06
NC CYC F . 10.84 17.80 -27.78
C1C CYC F . 9.99 18.35 -28.59
C2C CYC F . 8.54 18.12 -28.20
C3C CYC F . 8.71 17.43 -26.85
C4C CYC F . 10.17 17.31 -26.61
CMC CYC F . 7.78 19.46 -28.21
CAC CYC F . 7.91 16.08 -26.70
CBC CYC F . 6.39 16.35 -26.48
OC CYC F . 10.29 18.81 -29.68
CHD CYC F . 10.79 16.76 -25.45
ND CYC F . 12.44 16.43 -23.66
C1D CYC F . 12.14 16.59 -25.00
C2D CYC F . 13.35 16.35 -25.75
C3D CYC F . 14.37 16.13 -24.80
C4D CYC F . 13.76 16.14 -23.52
CMD CYC F . 13.58 16.27 -27.20
CAD CYC F . 15.83 15.92 -25.07
CBD CYC F . 16.56 17.24 -25.35
CGD CYC F . 17.93 16.82 -25.90
O1D CYC F . 18.65 17.72 -26.40
O2D CYC F . 18.28 15.59 -25.87
CHA CYC G . -19.35 2.12 -9.82
NA CYC G . -16.96 1.43 -10.17
C1A CYC G . -18.19 1.41 -9.52
C2A CYC G . -18.21 0.33 -8.66
C3A CYC G . -16.94 -0.28 -8.65
C4A CYC G . -16.17 0.40 -9.65
CMA CYC G . -16.52 -1.37 -7.72
CAA CYC G . -19.34 -0.06 -7.80
CBA CYC G . -19.90 -1.38 -8.31
CGA CYC G . -20.47 -1.14 -9.71
O1A CYC G . -21.45 -0.32 -9.82
O2A CYC G . -19.93 -1.71 -10.71
CHB CYC G . -14.78 0.32 -9.93
NB CYC G . -14.26 -2.11 -9.77
C1B CYC G . -13.93 -0.79 -10.12
C2B CYC G . -12.55 -0.73 -10.56
C3B CYC G . -12.06 -2.10 -10.49
C4B CYC G . -13.20 -2.88 -9.89
CMB CYC G . -11.82 0.47 -11.04
CAB CYC G . -10.71 -2.65 -10.88
CBB CYC G . -9.80 -3.19 -9.74
OB CYC G . -13.19 -4.11 -9.66
NC CYC G . -20.45 6.25 -14.47
C1C CYC G . -20.71 6.97 -15.57
C2C CYC G . -19.50 7.78 -16.04
C3C CYC G . -18.44 7.34 -15.01
C4C CYC G . -19.10 6.43 -14.05
CMC CYC G . -19.05 7.52 -17.52
CAC CYC G . -17.70 8.55 -14.36
CBC CYC G . -16.25 8.25 -13.81
OC CYC G . -21.82 7.05 -16.11
CHD CYC G . -18.56 5.84 -12.89
ND CYC G . -18.72 3.75 -11.52
C1D CYC G . -19.21 4.99 -11.94
C2D CYC G . -20.48 5.21 -11.31
C3D CYC G . -20.70 4.10 -10.47
C4D CYC G . -19.55 3.28 -10.54
CMD CYC G . -21.47 6.31 -11.51
CAD CYC G . -21.89 3.95 -9.61
CBD CYC G . -21.71 4.64 -8.26
CGD CYC G . -20.99 3.74 -7.23
O1D CYC G . -21.45 2.62 -6.92
O2D CYC G . -19.97 4.18 -6.67
CHA CYC H . 9.10 -19.22 -29.49
NA CYC H . 8.27 -18.22 -27.45
C1A CYC H . 9.28 -18.64 -28.22
C2A CYC H . 10.49 -18.67 -27.46
C3A CYC H . 10.21 -18.09 -26.20
C4A CYC H . 8.79 -17.82 -26.22
CMA CYC H . 11.25 -17.78 -25.16
CAA CYC H . 11.85 -19.11 -27.87
CBA CYC H . 12.24 -20.42 -27.16
CGA CYC H . 11.15 -21.46 -27.51
O1A CYC H . 10.33 -21.82 -26.64
O2A CYC H . 11.11 -21.87 -28.70
CHB CYC H . 8.00 -17.18 -25.21
NB CYC H . 8.68 -18.45 -23.11
C1B CYC H . 7.87 -17.50 -23.83
C2B CYC H . 7.06 -16.75 -22.90
C3B CYC H . 7.51 -17.15 -21.61
C4B CYC H . 8.57 -18.20 -21.83
CMB CYC H . 5.96 -15.77 -23.21
CAB CYC H . 7.02 -16.61 -20.32
CBB CYC H . 6.47 -17.77 -19.45
OB CYC H . 9.23 -18.82 -20.98
NC CYC H . 4.71 -17.29 -34.22
C1C CYC H . 3.72 -16.88 -35.05
C2C CYC H . 2.40 -16.81 -34.32
C3C CYC H . 2.94 -16.63 -32.90
C4C CYC H . 4.24 -17.36 -32.88
CMC CYC H . 1.45 -15.68 -34.84
CAC CYC H . 1.94 -16.90 -31.73
CBC CYC H . 1.26 -15.57 -31.33
OC CYC H . 3.87 -16.59 -36.24
CHD CYC H . 4.91 -17.99 -31.79
ND CYC H . 6.90 -18.35 -30.37
C1D CYC H . 6.27 -18.42 -31.59
C2D CYC H . 7.08 -19.27 -32.47
C3D CYC H . 8.28 -19.55 -31.78
C4D CYC H . 8.12 -19.05 -30.45
CMD CYC H . 6.72 -19.89 -33.76
CAD CYC H . 9.46 -20.28 -32.34
CBD CYC H . 10.53 -19.23 -32.78
CGD CYC H . 11.84 -19.91 -33.23
O1D CYC H . 12.62 -19.14 -33.87
O2D CYC H . 12.09 -21.15 -33.01
CHA CYC I . 23.77 -8.00 18.50
NA CYC I . 21.85 -8.65 17.05
C1A CYC I . 23.16 -8.24 17.27
C2A CYC I . 23.73 -7.88 16.03
C3A CYC I . 22.80 -8.24 15.02
C4A CYC I . 21.64 -8.72 15.67
CMA CYC I . 23.05 -8.14 13.55
CAA CYC I . 24.97 -7.09 15.81
CBA CYC I . 24.59 -5.56 15.85
CGA CYC I . 25.01 -4.97 17.18
O1A CYC I . 24.37 -4.00 17.68
O2A CYC I . 26.06 -5.48 17.72
CHB CYC I . 20.45 -9.22 15.04
NB CYC I . 19.91 -7.31 13.44
C1B CYC I . 19.65 -8.58 14.03
C2B CYC I . 18.42 -9.10 13.48
C3B CYC I . 18.01 -8.18 12.48
C4B CYC I . 19.00 -7.05 12.49
CMB CYC I . 17.70 -10.36 13.84
CAB CYC I . 16.83 -8.39 11.61
CBB CYC I . 17.27 -8.53 10.16
OB CYC I . 19.01 -6.00 11.79
NC CYC I . 22.16 -10.59 24.42
C1C CYC I . 21.81 -11.40 25.42
C2C CYC I . 20.35 -11.85 25.32
C3C CYC I . 19.93 -11.16 24.00
C4C CYC I . 21.10 -10.39 23.50
CMC CYC I . 20.36 -13.38 25.21
CAC CYC I . 18.59 -10.34 24.14
CBC CYC I . 17.42 -11.32 24.40
OC CYC I . 22.52 -11.76 26.34
CHD CYC I . 21.22 -9.82 22.22
ND CYC I . 22.22 -8.99 20.17
C1D CYC I . 22.23 -9.11 21.54
C2D CYC I . 23.40 -8.40 22.07
C3D CYC I . 24.11 -7.95 20.96
C4D CYC I . 23.36 -8.31 19.80
CMD CYC I . 23.88 -8.21 23.47
CAD CYC I . 25.31 -7.07 21.02
CBD CYC I . 26.66 -7.81 21.19
CGD CYC I . 27.79 -6.77 21.38
O1D CYC I . 28.93 -7.21 21.71
O2D CYC I . 27.53 -5.51 21.24
CHA CYC J . -14.64 -9.44 13.16
NA CYC J . -12.86 -7.63 13.31
C1A CYC J . -14.07 -8.17 12.92
C2A CYC J . -14.67 -7.23 12.04
C3A CYC J . -13.72 -6.23 11.71
C4A CYC J . -12.59 -6.51 12.53
CMA CYC J . -13.88 -5.13 10.70
CAA CYC J . -16.05 -7.33 11.57
CBA CYC J . -16.84 -6.27 12.31
CGA CYC J . -16.97 -6.77 13.76
O1A CYC J . -16.56 -6.04 14.69
O2A CYC J . -17.44 -7.91 13.96
CHB CYC J . -11.32 -5.87 12.49
NB CYC J . -11.94 -3.40 12.43
C1B CYC J . -11.02 -4.49 12.63
C2B CYC J . -9.71 -3.92 12.71
C3B CYC J . -9.79 -2.53 12.42
C4B CYC J . -11.27 -2.28 12.26
CMB CYC J . -8.50 -4.71 12.97
CAB CYC J . -8.68 -1.49 12.40
CBB CYC J . -8.78 -0.56 11.16
OB CYC J . -11.80 -1.19 12.10
NC CYC J . -13.20 -13.21 18.13
C1C CYC J . -12.90 -13.84 19.28
C2C CYC J . -11.40 -14.15 19.37
C3C CYC J . -10.81 -13.31 18.20
C4C CYC J . -12.01 -12.89 17.40
CMC CYC J . -10.73 -13.77 20.73
CAC CYC J . -9.85 -14.23 17.37
CBC CYC J . -8.76 -13.41 16.63
OC CYC J . -13.73 -14.16 20.13
CHD CYC J . -12.06 -12.17 16.20
ND CYC J . -13.23 -10.56 14.82
C1D CYC J . -13.21 -11.75 15.50
C2D CYC J . -14.38 -12.52 15.16
C3D CYC J . -15.16 -11.63 14.36
C4D CYC J . -14.37 -10.46 14.08
CMD CYC J . -14.70 -13.96 15.48
CAD CYC J . -16.44 -11.97 13.70
CBD CYC J . -16.26 -12.86 12.46
CGD CYC J . -15.58 -12.18 11.28
O1D CYC J . -14.76 -12.87 10.64
O2D CYC J . -15.86 -10.98 10.96
#